data_1ZT4
#
_entry.id   1ZT4
#
_cell.length_a   50.470
_cell.length_b   94.300
_cell.length_c   176.070
_cell.angle_alpha   90.00
_cell.angle_beta   90.00
_cell.angle_gamma   90.00
#
_symmetry.space_group_name_H-M   'P 21 21 21'
#
loop_
_entity.id
_entity.type
_entity.pdbx_description
1 polymer 'T-cell surface glycoprotein CD1d'
2 polymer Beta-2-microglobulin
3 non-polymer N-{(1S,2R,3S)-1-[(ALPHA-D-GALACTOPYRANOSYLOXY)METHYL]-2,3-DIHYDROXYHEPTADECYL}HEXACOSANAMIDE
4 water water
#
loop_
_entity_poly.entity_id
_entity_poly.type
_entity_poly.pdbx_seq_one_letter_code
_entity_poly.pdbx_strand_id
1 'polypeptide(L)'
;AEVPQRLFPLRCLQISSFANSSWTRTDGLAWLGELQTHSWSNDSDTVRSLKPWSQGTFSDQQWETLQHIFRVYRSSFTRD
VKEFAKMLRLSYPLELQVSAGCEVHPGNASNNFFHVAFQGKDILSFQGTSWEPTQEAPLWVNLAIQVLNQDKWTRETVQW
LLNGTCPQFVSGLLESGKSELKKQVKPKAWLSRGPSPGPGRLLLVCHVSGFYPKPVWVKWMRGEQEQQGTQPGDILPNAD
ETWYLRATLDVVAGEAAGLSCRVKHSSLEGQDIVLYWGGSY
;
A,C
2 'polypeptide(L)'
;MIQRTPKIQVYSRHPAENGKSNFLNCYVSGFHPSDIEVDLLKNGERIEKVEHSDLSFSKDWSFYLLYYTEFTPTEKDEYA
CRVNHVTLSQPKIVKWDRDM
;
B,D
#
# COMPACT_ATOMS: atom_id res chain seq x y z
N ARG A 6 28.09 1.58 20.39
CA ARG A 6 26.87 1.20 21.18
C ARG A 6 25.65 1.90 20.58
N LEU A 7 25.43 1.65 19.29
CA LEU A 7 24.32 2.25 18.59
C LEU A 7 23.12 1.31 18.73
N PHE A 8 22.22 1.64 19.64
CA PHE A 8 21.06 0.79 19.82
C PHE A 8 19.77 1.52 19.56
N PRO A 9 19.69 2.19 18.41
CA PRO A 9 18.45 2.89 18.13
C PRO A 9 17.38 1.86 17.83
N LEU A 10 16.16 2.33 17.63
CA LEU A 10 15.07 1.47 17.28
C LEU A 10 14.60 2.00 15.91
N ARG A 11 14.64 1.14 14.89
CA ARG A 11 14.17 1.57 13.59
C ARG A 11 12.91 0.78 13.29
N CYS A 12 11.80 1.48 13.06
CA CYS A 12 10.53 0.83 12.74
C CYS A 12 10.28 1.14 11.27
N LEU A 13 10.41 0.11 10.44
CA LEU A 13 10.24 0.27 9.00
C LEU A 13 8.92 -0.23 8.47
N GLN A 14 8.39 0.48 7.48
CA GLN A 14 7.11 0.13 6.87
C GLN A 14 7.25 0.17 5.37
N ILE A 15 6.81 -0.88 4.69
CA ILE A 15 6.87 -0.93 3.24
C ILE A 15 5.46 -1.07 2.71
N SER A 16 4.91 -0.03 2.10
CA SER A 16 3.57 -0.15 1.56
C SER A 16 3.69 -0.07 0.04
N SER A 17 3.10 -1.05 -0.63
CA SER A 17 3.19 -1.10 -2.07
C SER A 17 1.83 -1.14 -2.73
N PHE A 18 1.56 -0.18 -3.61
CA PHE A 18 0.28 -0.05 -4.33
C PHE A 18 0.41 -0.36 -5.82
N ALA A 19 -0.06 -1.53 -6.26
CA ALA A 19 0.04 -1.92 -7.68
C ALA A 19 -0.87 -1.05 -8.53
N ASN A 20 -1.99 -0.68 -7.93
CA ASN A 20 -2.96 0.20 -8.52
C ASN A 20 -3.82 0.51 -7.33
N SER A 21 -4.80 1.40 -7.49
CA SER A 21 -5.61 1.78 -6.35
C SER A 21 -6.40 0.63 -5.72
N SER A 22 -6.35 -0.55 -6.31
CA SER A 22 -7.12 -1.68 -5.77
C SER A 22 -6.31 -2.80 -5.20
N TRP A 23 -5.02 -2.81 -5.53
CA TRP A 23 -4.09 -3.84 -5.11
C TRP A 23 -3.01 -3.22 -4.24
N THR A 24 -3.06 -3.56 -2.96
CA THR A 24 -2.11 -3.03 -1.98
C THR A 24 -1.63 -4.02 -0.94
N ARG A 25 -0.45 -3.76 -0.39
CA ARG A 25 0.09 -4.59 0.67
C ARG A 25 1.05 -3.73 1.46
N THR A 26 1.04 -3.88 2.78
CA THR A 26 1.97 -3.10 3.57
C THR A 26 2.50 -3.97 4.68
N ASP A 27 3.82 -4.08 4.79
CA ASP A 27 4.44 -4.92 5.80
C ASP A 27 5.47 -4.14 6.57
N GLY A 28 5.68 -4.51 7.81
CA GLY A 28 6.65 -3.80 8.62
C GLY A 28 7.58 -4.67 9.44
N LEU A 29 8.50 -4.01 10.14
CA LEU A 29 9.47 -4.69 10.98
C LEU A 29 10.24 -3.62 11.75
N ALA A 30 10.65 -3.94 12.97
CA ALA A 30 11.40 -3.01 13.77
C ALA A 30 12.77 -3.58 14.03
N TRP A 31 13.76 -2.70 14.13
CA TRP A 31 15.11 -3.13 14.41
C TRP A 31 15.62 -2.44 15.63
N LEU A 32 16.13 -3.20 16.59
CA LEU A 32 16.73 -2.58 17.75
C LEU A 32 18.19 -2.88 17.45
N GLY A 33 18.95 -1.83 17.17
CA GLY A 33 20.35 -2.07 16.87
C GLY A 33 20.37 -2.89 15.62
N GLU A 34 21.12 -3.97 15.60
CA GLU A 34 21.13 -4.74 14.37
C GLU A 34 20.19 -5.94 14.37
N LEU A 35 19.46 -6.15 15.47
CA LEU A 35 18.52 -7.26 15.61
C LEU A 35 17.07 -6.94 15.28
N GLN A 36 16.47 -7.73 14.39
CA GLN A 36 15.06 -7.51 14.07
C GLN A 36 14.28 -7.97 15.28
N THR A 37 13.57 -7.07 15.93
CA THR A 37 12.82 -7.49 17.10
C THR A 37 11.36 -7.81 16.81
N HIS A 38 10.82 -7.20 15.77
CA HIS A 38 9.43 -7.43 15.41
C HIS A 38 9.24 -7.62 13.92
N SER A 39 8.09 -8.18 13.57
CA SER A 39 7.72 -8.42 12.18
C SER A 39 6.21 -8.28 12.07
N TRP A 40 5.77 -7.40 11.19
CA TRP A 40 4.34 -7.18 11.04
C TRP A 40 3.92 -7.37 9.59
N SER A 41 3.54 -8.60 9.26
CA SER A 41 3.12 -9.00 7.92
C SER A 41 1.75 -8.40 7.67
N ASN A 42 1.31 -8.34 6.41
CA ASN A 42 -0.01 -7.76 6.22
C ASN A 42 -1.05 -8.80 6.06
N ASP A 43 -0.73 -10.02 6.45
CA ASP A 43 -1.71 -11.08 6.37
C ASP A 43 -2.13 -11.38 7.78
N SER A 44 -1.37 -10.86 8.72
CA SER A 44 -1.65 -11.04 10.12
C SER A 44 -2.27 -9.74 10.60
N ASP A 45 -3.18 -9.83 11.54
CA ASP A 45 -3.81 -8.63 12.07
C ASP A 45 -2.97 -8.26 13.26
N THR A 46 -1.79 -8.86 13.37
CA THR A 46 -0.96 -8.58 14.51
C THR A 46 0.53 -8.53 14.24
N VAL A 47 1.22 -7.75 15.07
CA VAL A 47 2.68 -7.55 15.01
C VAL A 47 3.40 -8.69 15.73
N ARG A 48 4.09 -9.53 14.96
CA ARG A 48 4.79 -10.68 15.51
C ARG A 48 6.02 -10.32 16.35
N SER A 49 6.15 -10.92 17.54
CA SER A 49 7.32 -10.69 18.37
C SER A 49 8.35 -11.74 17.98
N LEU A 50 9.56 -11.29 17.72
CA LEU A 50 10.62 -12.19 17.28
C LEU A 50 11.52 -12.60 18.43
N LYS A 51 11.44 -11.86 19.54
CA LYS A 51 12.28 -12.15 20.69
C LYS A 51 11.46 -12.23 21.94
N PRO A 52 11.96 -12.94 22.95
CA PRO A 52 11.24 -13.07 24.21
C PRO A 52 11.05 -11.72 24.88
N TRP A 53 11.89 -10.76 24.51
CA TRP A 53 11.80 -9.40 25.08
C TRP A 53 11.26 -8.42 24.06
N SER A 54 10.60 -8.94 23.02
CA SER A 54 10.05 -8.08 21.98
C SER A 54 8.88 -7.28 22.49
N GLN A 55 8.64 -7.33 23.79
CA GLN A 55 7.52 -6.60 24.35
C GLN A 55 8.04 -5.55 25.32
N GLY A 56 9.37 -5.45 25.38
CA GLY A 56 10.00 -4.49 26.27
C GLY A 56 9.44 -4.58 27.67
N THR A 57 9.08 -3.44 28.25
CA THR A 57 8.51 -3.35 29.60
C THR A 57 7.00 -3.22 29.55
N PHE A 58 6.45 -3.39 28.36
CA PHE A 58 5.04 -3.20 28.25
C PHE A 58 4.11 -4.32 28.70
N SER A 59 3.21 -3.92 29.58
CA SER A 59 2.20 -4.80 30.10
C SER A 59 1.37 -5.12 28.87
N ASP A 60 0.79 -6.31 28.84
CA ASP A 60 -0.01 -6.72 27.71
C ASP A 60 -1.07 -5.68 27.36
N GLN A 61 -1.23 -4.68 28.23
CA GLN A 61 -2.22 -3.62 28.01
C GLN A 61 -1.71 -2.47 27.16
N GLN A 62 -0.49 -2.04 27.45
CA GLN A 62 0.16 -0.97 26.70
C GLN A 62 0.45 -1.51 25.31
N TRP A 63 0.92 -2.74 25.27
CA TRP A 63 1.24 -3.37 24.03
C TRP A 63 0.00 -3.33 23.17
N GLU A 64 -1.09 -3.87 23.70
CA GLU A 64 -2.38 -3.93 22.97
C GLU A 64 -2.80 -2.58 22.45
N THR A 65 -2.61 -1.56 23.27
CA THR A 65 -2.96 -0.22 22.88
C THR A 65 -2.18 0.17 21.65
N LEU A 66 -0.90 -0.13 21.64
CA LEU A 66 -0.07 0.19 20.49
C LEU A 66 -0.58 -0.62 19.33
N GLN A 67 -0.62 -1.94 19.52
CA GLN A 67 -1.08 -2.81 18.47
C GLN A 67 -2.31 -2.23 17.78
N HIS A 68 -3.29 -1.81 18.57
CA HIS A 68 -4.49 -1.25 17.98
C HIS A 68 -4.15 0.00 17.20
N ILE A 69 -3.28 0.82 17.79
CA ILE A 69 -2.85 2.05 17.14
C ILE A 69 -2.37 1.69 15.76
N PHE A 70 -1.69 0.55 15.68
CA PHE A 70 -1.21 0.02 14.43
C PHE A 70 -2.38 -0.52 13.56
N ARG A 71 -3.12 -1.52 14.05
CA ARG A 71 -4.24 -2.04 13.26
C ARG A 71 -4.91 -0.88 12.55
N VAL A 72 -5.41 0.06 13.35
CA VAL A 72 -6.08 1.22 12.77
C VAL A 72 -5.15 2.00 11.86
N TYR A 73 -3.93 2.22 12.30
CA TYR A 73 -2.97 2.95 11.48
C TYR A 73 -2.76 2.31 10.10
N ARG A 74 -2.40 1.03 10.05
CA ARG A 74 -2.23 0.38 8.77
C ARG A 74 -3.50 0.57 7.91
N SER A 75 -4.65 0.49 8.56
CA SER A 75 -5.92 0.64 7.87
C SER A 75 -6.08 2.07 7.36
N SER A 76 -5.82 3.03 8.23
CA SER A 76 -5.97 4.44 7.88
C SER A 76 -4.86 4.96 6.96
N PHE A 77 -3.68 4.37 7.05
CA PHE A 77 -2.61 4.83 6.20
C PHE A 77 -2.89 4.50 4.72
N THR A 78 -3.31 3.27 4.44
CA THR A 78 -3.55 2.95 3.04
C THR A 78 -4.74 3.71 2.52
N ARG A 79 -5.74 3.96 3.37
CA ARG A 79 -6.89 4.70 2.86
C ARG A 79 -6.42 6.07 2.43
N ASP A 80 -5.67 6.72 3.29
CA ASP A 80 -5.19 8.06 3.00
C ASP A 80 -4.31 8.10 1.75
N VAL A 81 -3.45 7.12 1.57
CA VAL A 81 -2.58 7.14 0.41
C VAL A 81 -3.30 7.16 -0.93
N LYS A 82 -4.20 6.20 -1.16
CA LYS A 82 -4.94 6.14 -2.40
C LYS A 82 -5.56 7.47 -2.80
N GLU A 83 -5.96 8.28 -1.81
CA GLU A 83 -6.60 9.58 -2.02
C GLU A 83 -5.60 10.63 -2.46
N PHE A 84 -4.48 10.70 -1.79
CA PHE A 84 -3.47 11.66 -2.18
C PHE A 84 -3.11 11.35 -3.62
N ALA A 85 -3.18 10.08 -3.96
CA ALA A 85 -2.87 9.65 -5.32
C ALA A 85 -3.86 10.32 -6.26
N LYS A 86 -5.14 10.03 -6.04
CA LYS A 86 -6.20 10.60 -6.87
C LYS A 86 -6.02 12.11 -7.01
N MET A 87 -6.02 12.79 -5.87
CA MET A 87 -5.86 14.23 -5.79
C MET A 87 -4.69 14.82 -6.57
N LEU A 88 -3.48 14.61 -6.07
CA LEU A 88 -2.28 15.14 -6.67
C LEU A 88 -1.93 14.44 -7.97
N ARG A 89 -2.89 13.66 -8.48
CA ARG A 89 -2.74 12.93 -9.74
C ARG A 89 -1.35 12.34 -9.96
N LEU A 90 -1.10 11.20 -9.31
CA LEU A 90 0.17 10.50 -9.41
C LEU A 90 -0.06 9.11 -9.96
N SER A 91 0.70 8.74 -11.00
CA SER A 91 0.65 7.41 -11.65
C SER A 91 0.55 6.31 -10.62
N TYR A 92 0.02 5.13 -10.96
CA TYR A 92 -0.21 4.17 -9.90
C TYR A 92 0.66 3.08 -9.39
N PRO A 93 1.77 2.81 -10.08
CA PRO A 93 2.42 1.78 -9.30
C PRO A 93 2.99 2.60 -8.11
N LEU A 94 2.62 2.28 -6.89
CA LEU A 94 3.13 3.11 -5.80
C LEU A 94 4.09 2.46 -4.81
N GLU A 95 5.00 3.26 -4.31
CA GLU A 95 5.97 2.75 -3.37
C GLU A 95 6.10 3.70 -2.23
N LEU A 96 5.54 3.36 -1.08
CA LEU A 96 5.70 4.24 0.04
C LEU A 96 6.49 3.47 1.07
N GLN A 97 7.41 4.16 1.72
CA GLN A 97 8.25 3.57 2.76
C GLN A 97 8.32 4.53 3.94
N VAL A 98 8.22 4.00 5.16
CA VAL A 98 8.31 4.84 6.35
C VAL A 98 9.43 4.33 7.24
N SER A 99 10.15 5.26 7.87
CA SER A 99 11.25 4.92 8.76
C SER A 99 11.10 5.78 9.98
N ALA A 100 10.50 5.25 11.02
CA ALA A 100 10.32 6.05 12.23
C ALA A 100 11.05 5.42 13.42
N GLY A 101 11.36 6.23 14.43
CA GLY A 101 12.04 5.72 15.62
C GLY A 101 12.70 6.70 16.57
N CYS A 102 13.52 6.16 17.47
CA CYS A 102 14.25 6.97 18.43
C CYS A 102 15.38 6.12 18.98
N GLU A 103 16.38 6.75 19.56
CA GLU A 103 17.48 6.01 20.14
C GLU A 103 17.74 6.68 21.47
N VAL A 104 17.64 5.91 22.53
CA VAL A 104 17.83 6.45 23.86
C VAL A 104 19.28 6.75 24.15
N HIS A 105 19.53 7.89 24.78
CA HIS A 105 20.87 8.31 25.16
C HIS A 105 21.12 8.27 26.68
N PRO A 106 22.40 8.30 27.08
CA PRO A 106 22.76 8.25 28.50
C PRO A 106 21.84 9.01 29.42
N GLY A 107 20.98 8.23 30.09
CA GLY A 107 20.04 8.76 31.07
C GLY A 107 18.87 9.65 30.69
N ASN A 108 19.15 10.88 30.26
CA ASN A 108 18.12 11.84 29.93
C ASN A 108 17.39 11.78 28.59
N ALA A 109 17.79 12.69 27.70
CA ALA A 109 17.17 12.82 26.39
C ALA A 109 17.36 11.69 25.41
N SER A 110 16.68 11.83 24.27
CA SER A 110 16.72 10.86 23.19
C SER A 110 16.45 11.67 21.95
N ASN A 111 16.83 11.13 20.80
CA ASN A 111 16.51 11.81 19.55
C ASN A 111 15.58 10.84 18.85
N ASN A 112 14.74 11.35 17.97
CA ASN A 112 13.80 10.51 17.23
C ASN A 112 13.66 11.01 15.81
N PHE A 113 13.05 10.21 14.95
CA PHE A 113 12.89 10.56 13.56
C PHE A 113 11.65 9.95 12.95
N PHE A 114 11.26 10.47 11.80
CA PHE A 114 10.11 9.93 11.09
C PHE A 114 10.22 10.39 9.65
N HIS A 115 10.68 9.50 8.77
CA HIS A 115 10.89 9.83 7.36
C HIS A 115 10.10 8.99 6.40
N VAL A 116 9.32 9.61 5.55
CA VAL A 116 8.58 8.80 4.61
C VAL A 116 9.23 9.00 3.25
N ALA A 117 9.22 7.94 2.45
CA ALA A 117 9.81 7.99 1.12
C ALA A 117 8.81 7.53 0.07
N PHE A 118 8.72 8.29 -1.01
CA PHE A 118 7.81 7.96 -2.09
C PHE A 118 8.71 7.59 -3.26
N GLN A 119 8.44 6.49 -3.93
CA GLN A 119 9.24 6.05 -5.08
C GLN A 119 10.77 5.94 -4.82
N GLY A 120 11.13 5.51 -3.61
CA GLY A 120 12.54 5.35 -3.30
C GLY A 120 13.24 6.60 -2.86
N LYS A 121 12.51 7.71 -2.81
CA LYS A 121 13.11 8.97 -2.40
C LYS A 121 12.30 9.64 -1.30
N ASP A 122 13.01 10.36 -0.43
CA ASP A 122 12.39 11.09 0.68
C ASP A 122 11.46 12.12 0.06
N ILE A 123 10.46 12.51 0.80
CA ILE A 123 9.56 13.51 0.32
C ILE A 123 9.14 14.37 1.49
N LEU A 124 9.10 13.79 2.67
CA LEU A 124 8.70 14.54 3.85
C LEU A 124 9.09 13.85 5.13
N SER A 125 8.94 14.54 6.24
CA SER A 125 9.30 13.97 7.53
C SER A 125 8.67 14.82 8.62
N PHE A 126 8.72 14.31 9.84
CA PHE A 126 8.11 14.99 10.98
C PHE A 126 9.05 15.85 11.82
N GLN A 127 8.86 17.15 11.74
CA GLN A 127 9.69 18.09 12.47
C GLN A 127 8.95 18.78 13.61
N GLY A 128 9.41 18.57 14.83
CA GLY A 128 8.80 19.18 15.98
C GLY A 128 7.40 18.66 16.26
N THR A 129 6.41 19.25 15.58
CA THR A 129 5.05 18.82 15.81
C THR A 129 4.27 18.67 14.52
N SER A 130 4.78 19.21 13.42
CA SER A 130 4.09 19.10 12.13
C SER A 130 4.98 18.48 11.05
N TRP A 131 4.50 18.40 9.80
CA TRP A 131 5.23 17.77 8.70
C TRP A 131 6.00 18.73 7.82
N GLU A 132 7.28 18.42 7.53
CA GLU A 132 8.11 19.27 6.69
C GLU A 132 8.49 18.54 5.42
N PRO A 133 8.29 19.15 4.25
CA PRO A 133 8.66 18.47 3.00
C PRO A 133 10.18 18.44 3.00
N THR A 134 10.83 17.77 2.05
CA THR A 134 12.30 17.72 2.11
C THR A 134 13.15 18.39 1.01
N GLN A 135 14.48 18.26 1.15
CA GLN A 135 15.52 18.78 0.23
C GLN A 135 14.91 18.83 -1.15
N GLU A 136 14.99 17.70 -1.84
CA GLU A 136 14.34 17.57 -3.11
C GLU A 136 13.08 17.10 -2.44
N ALA A 137 11.94 17.36 -3.03
CA ALA A 137 10.71 16.94 -2.41
C ALA A 137 9.88 17.59 -3.44
N PRO A 138 9.45 16.81 -4.41
CA PRO A 138 8.62 17.33 -5.49
C PRO A 138 7.73 18.47 -4.94
N LEU A 139 7.43 19.45 -5.78
CA LEU A 139 6.59 20.55 -5.34
C LEU A 139 5.20 20.12 -4.86
N TRP A 140 4.59 19.14 -5.54
CA TRP A 140 3.27 18.76 -5.10
C TRP A 140 3.24 18.29 -3.66
N VAL A 141 4.42 18.06 -3.10
CA VAL A 141 4.50 17.59 -1.73
C VAL A 141 4.02 18.60 -0.71
N ASN A 142 4.08 19.88 -1.02
CA ASN A 142 3.61 20.83 -0.01
C ASN A 142 2.11 20.77 -0.02
N LEU A 143 1.52 20.46 -1.18
CA LEU A 143 0.08 20.36 -1.22
C LEU A 143 -0.31 19.32 -0.17
N ALA A 144 0.18 18.11 -0.36
CA ALA A 144 -0.08 17.03 0.57
C ALA A 144 0.15 17.48 2.01
N ILE A 145 1.32 18.08 2.23
CA ILE A 145 1.69 18.56 3.54
C ILE A 145 0.73 19.55 4.19
N GLN A 146 0.23 20.52 3.42
CA GLN A 146 -0.70 21.50 3.99
C GLN A 146 -1.85 20.74 4.63
N VAL A 147 -2.36 19.75 3.90
CA VAL A 147 -3.45 18.89 4.34
C VAL A 147 -3.06 18.11 5.60
N LEU A 148 -2.02 17.31 5.48
CA LEU A 148 -1.56 16.54 6.63
C LEU A 148 -1.46 17.44 7.85
N ASN A 149 -0.77 18.57 7.70
CA ASN A 149 -0.57 19.49 8.79
C ASN A 149 -1.85 19.98 9.43
N GLN A 150 -2.97 19.65 8.81
CA GLN A 150 -4.29 20.07 9.30
C GLN A 150 -4.80 19.10 10.38
N ASP A 151 -4.62 17.82 10.14
CA ASP A 151 -5.04 16.79 11.06
C ASP A 151 -4.25 16.92 12.38
N LYS A 152 -4.84 17.66 13.32
CA LYS A 152 -4.23 17.91 14.63
C LYS A 152 -3.98 16.72 15.52
N TRP A 153 -4.90 15.76 15.55
CA TRP A 153 -4.71 14.60 16.42
C TRP A 153 -3.63 13.68 15.88
N THR A 154 -3.73 13.36 14.61
CA THR A 154 -2.74 12.49 14.05
C THR A 154 -1.39 13.17 14.19
N ARG A 155 -1.42 14.50 14.28
CA ARG A 155 -0.20 15.28 14.45
C ARG A 155 0.25 15.38 15.92
N GLU A 156 -0.59 14.94 16.85
CA GLU A 156 -0.26 14.97 18.28
C GLU A 156 -0.02 13.54 18.78
N THR A 157 -0.42 12.56 17.98
CA THR A 157 -0.24 11.16 18.34
C THR A 157 1.18 10.77 17.96
N VAL A 158 1.52 11.13 16.73
CA VAL A 158 2.84 10.91 16.18
C VAL A 158 3.83 11.48 17.18
N GLN A 159 3.63 12.76 17.48
CA GLN A 159 4.47 13.49 18.42
C GLN A 159 4.68 12.74 19.72
N TRP A 160 3.59 12.53 20.44
CA TRP A 160 3.64 11.82 21.71
C TRP A 160 4.41 10.52 21.54
N LEU A 161 4.24 9.91 20.38
CA LEU A 161 4.93 8.66 20.11
C LEU A 161 6.43 8.75 20.01
N LEU A 162 6.92 9.76 19.32
CA LEU A 162 8.35 9.90 19.13
C LEU A 162 9.11 10.32 20.37
N ASN A 163 8.63 11.40 20.99
CA ASN A 163 9.28 11.94 22.18
C ASN A 163 8.84 11.28 23.47
N GLY A 164 7.64 10.70 23.43
CA GLY A 164 7.14 10.03 24.62
C GLY A 164 7.28 8.53 24.64
N THR A 165 6.32 7.84 24.04
CA THR A 165 6.31 6.38 24.01
C THR A 165 7.60 5.71 23.57
N CYS A 166 8.02 6.01 22.35
CA CYS A 166 9.22 5.40 21.82
C CYS A 166 10.33 5.25 22.86
N PRO A 167 10.90 6.37 23.34
CA PRO A 167 11.97 6.24 24.34
C PRO A 167 11.61 5.25 25.42
N GLN A 168 10.55 5.54 26.15
CA GLN A 168 10.14 4.64 27.22
C GLN A 168 10.21 3.22 26.71
N PHE A 169 9.57 2.98 25.57
CA PHE A 169 9.56 1.65 25.00
C PHE A 169 10.98 1.10 24.87
N VAL A 170 11.82 1.81 24.11
CA VAL A 170 13.20 1.38 23.88
C VAL A 170 13.96 1.10 25.17
N SER A 171 14.00 2.07 26.08
CA SER A 171 14.69 1.89 27.36
C SER A 171 14.31 0.55 27.98
N GLY A 172 13.03 0.19 27.86
CA GLY A 172 12.56 -1.08 28.39
C GLY A 172 13.23 -2.14 27.55
N LEU A 173 12.90 -2.15 26.28
CA LEU A 173 13.48 -3.09 25.33
C LEU A 173 14.95 -3.33 25.63
N LEU A 174 15.66 -2.27 25.97
CA LEU A 174 17.08 -2.40 26.25
C LEU A 174 17.43 -3.19 27.49
N GLU A 175 16.88 -2.81 28.63
CA GLU A 175 17.21 -3.54 29.83
C GLU A 175 16.76 -4.99 29.73
N SER A 176 15.55 -5.21 29.26
CA SER A 176 15.02 -6.56 29.16
C SER A 176 15.72 -7.37 28.09
N GLY A 177 16.49 -6.69 27.26
CA GLY A 177 17.21 -7.36 26.19
C GLY A 177 18.70 -7.50 26.47
N LYS A 178 19.19 -6.84 27.53
CA LYS A 178 20.59 -6.89 27.93
C LYS A 178 21.20 -8.22 27.53
N SER A 179 20.66 -9.28 28.11
CA SER A 179 21.13 -10.62 27.86
C SER A 179 21.63 -10.89 26.44
N GLU A 180 20.88 -10.53 25.39
CA GLU A 180 21.30 -10.83 24.02
C GLU A 180 22.06 -9.81 23.17
N LEU A 181 21.86 -8.52 23.39
CA LEU A 181 22.57 -7.53 22.59
C LEU A 181 24.10 -7.53 22.86
N LYS A 182 24.50 -7.90 24.07
CA LYS A 182 25.90 -7.95 24.49
C LYS A 182 26.56 -9.21 23.92
N LYS A 183 25.74 -10.24 23.74
CA LYS A 183 26.17 -11.53 23.20
C LYS A 183 27.29 -11.36 22.20
N GLN A 184 28.28 -12.24 22.27
CA GLN A 184 29.41 -12.19 21.33
C GLN A 184 29.67 -13.58 20.76
N VAL A 185 29.71 -13.67 19.43
CA VAL A 185 29.95 -14.94 18.77
C VAL A 185 31.26 -14.91 17.99
N LYS A 186 32.13 -15.86 18.28
CA LYS A 186 33.41 -15.97 17.61
C LYS A 186 33.22 -16.58 16.20
N PRO A 187 33.80 -15.92 15.18
CA PRO A 187 33.73 -16.34 13.78
C PRO A 187 34.82 -17.32 13.45
N LYS A 188 34.56 -18.23 12.53
CA LYS A 188 35.59 -19.16 12.10
C LYS A 188 36.06 -18.62 10.74
N ALA A 189 37.34 -18.80 10.42
CA ALA A 189 37.90 -18.33 9.16
C ALA A 189 38.70 -19.41 8.43
N TRP A 190 38.78 -19.27 7.13
CA TRP A 190 39.51 -20.23 6.31
C TRP A 190 39.87 -19.53 5.02
N LEU A 191 40.83 -20.10 4.29
CA LEU A 191 41.27 -19.53 3.03
C LEU A 191 40.96 -20.42 1.81
N SER A 192 41.28 -19.89 0.63
CA SER A 192 41.06 -20.58 -0.63
C SER A 192 41.47 -19.61 -1.73
N ARG A 193 41.58 -20.14 -2.94
CA ARG A 193 41.98 -19.33 -4.07
C ARG A 193 40.76 -19.05 -4.92
N GLY A 194 40.69 -17.82 -5.43
CA GLY A 194 39.60 -17.42 -6.29
C GLY A 194 40.18 -17.45 -7.69
N PRO A 195 39.41 -17.91 -8.68
CA PRO A 195 39.93 -17.96 -10.05
C PRO A 195 40.68 -16.73 -10.53
N SER A 196 41.68 -16.97 -11.37
CA SER A 196 42.51 -15.92 -11.95
C SER A 196 41.80 -15.38 -13.17
N PRO A 197 41.41 -14.10 -13.14
CA PRO A 197 40.70 -13.43 -14.25
C PRO A 197 41.40 -13.55 -15.61
N GLY A 198 42.71 -13.41 -15.60
CA GLY A 198 43.48 -13.50 -16.83
C GLY A 198 44.99 -13.41 -16.65
N PRO A 199 45.48 -12.71 -15.60
CA PRO A 199 46.93 -12.66 -15.49
C PRO A 199 47.45 -14.07 -15.39
N GLY A 200 48.75 -14.21 -15.40
CA GLY A 200 49.33 -15.53 -15.25
C GLY A 200 49.30 -15.77 -13.76
N ARG A 201 48.46 -15.00 -13.07
CA ARG A 201 48.36 -15.12 -11.61
C ARG A 201 46.89 -15.15 -11.16
N LEU A 202 46.68 -15.73 -9.98
CA LEU A 202 45.35 -15.88 -9.39
C LEU A 202 45.03 -14.81 -8.35
N LEU A 203 44.08 -15.12 -7.47
CA LEU A 203 43.67 -14.22 -6.40
C LEU A 203 43.33 -15.03 -5.15
N LEU A 204 43.82 -14.57 -4.00
CA LEU A 204 43.57 -15.24 -2.72
C LEU A 204 42.22 -14.82 -2.15
N VAL A 205 41.74 -15.58 -1.16
CA VAL A 205 40.45 -15.29 -0.57
C VAL A 205 40.37 -15.61 0.92
N CYS A 206 40.04 -14.60 1.71
CA CYS A 206 39.89 -14.82 3.13
C CYS A 206 38.40 -14.94 3.36
N HIS A 207 38.02 -15.90 4.19
CA HIS A 207 36.63 -16.15 4.48
C HIS A 207 36.40 -16.09 5.98
N VAL A 208 35.52 -15.20 6.42
CA VAL A 208 35.21 -15.12 7.84
C VAL A 208 33.71 -15.20 8.01
N SER A 209 33.23 -16.12 8.84
CA SER A 209 31.77 -16.22 9.05
C SER A 209 31.36 -16.68 10.45
N GLY A 210 30.15 -16.32 10.83
CA GLY A 210 29.61 -16.69 12.13
C GLY A 210 29.91 -15.78 13.31
N PHE A 211 30.21 -14.51 13.08
CA PHE A 211 30.47 -13.59 14.20
C PHE A 211 29.18 -12.79 14.52
N TYR A 212 29.09 -12.24 15.74
CA TYR A 212 27.88 -11.50 16.10
C TYR A 212 27.93 -9.98 15.98
N PRO A 213 28.52 -9.29 16.97
CA PRO A 213 28.49 -7.86 16.70
C PRO A 213 29.04 -7.64 15.29
N LYS A 214 28.15 -7.25 14.38
CA LYS A 214 28.52 -7.02 12.98
C LYS A 214 29.88 -6.43 12.68
N PRO A 215 30.33 -5.41 13.43
CA PRO A 215 31.64 -4.82 13.18
C PRO A 215 32.82 -5.82 13.18
N VAL A 216 33.61 -5.79 12.12
CA VAL A 216 34.73 -6.71 11.97
C VAL A 216 35.85 -6.10 11.15
N TRP A 217 37.08 -6.51 11.41
CA TRP A 217 38.21 -6.01 10.67
C TRP A 217 38.93 -7.18 10.00
N VAL A 218 39.05 -7.13 8.68
CA VAL A 218 39.71 -8.20 7.92
C VAL A 218 40.62 -7.66 6.84
N LYS A 219 41.91 -7.85 7.04
CA LYS A 219 42.89 -7.39 6.09
C LYS A 219 43.88 -8.48 5.69
N TRP A 220 44.24 -8.44 4.41
CA TRP A 220 45.19 -9.37 3.82
C TRP A 220 46.59 -8.84 4.02
N MET A 221 46.85 -8.24 5.17
CA MET A 221 48.18 -7.70 5.43
C MET A 221 49.22 -8.80 5.47
N ARG A 222 49.59 -9.28 4.28
CA ARG A 222 50.57 -10.35 4.09
C ARG A 222 51.74 -10.38 5.06
N GLY A 223 52.74 -9.52 4.85
CA GLY A 223 53.88 -9.49 5.74
C GLY A 223 53.37 -9.18 7.13
N GLU A 224 54.03 -9.70 8.17
CA GLU A 224 53.61 -9.43 9.54
C GLU A 224 53.53 -7.91 9.63
N GLN A 225 54.48 -7.28 8.95
CA GLN A 225 54.54 -5.84 8.88
C GLN A 225 53.42 -5.52 7.88
N GLU A 226 52.30 -5.06 8.42
CA GLU A 226 51.12 -4.71 7.62
C GLU A 226 51.35 -4.58 6.11
N GLN A 227 50.41 -5.10 5.33
CA GLN A 227 50.50 -4.99 3.89
C GLN A 227 49.23 -4.32 3.45
N GLN A 228 48.98 -4.33 2.14
CA GLN A 228 47.80 -3.67 1.60
C GLN A 228 47.22 -4.39 0.40
N GLY A 229 46.36 -3.68 -0.32
CA GLY A 229 45.72 -4.21 -1.51
C GLY A 229 44.42 -4.97 -1.29
N THR A 230 44.11 -5.30 -0.04
CA THR A 230 42.92 -6.05 0.35
C THR A 230 41.63 -5.52 -0.27
N GLN A 231 40.72 -6.44 -0.55
CA GLN A 231 39.44 -6.10 -1.16
C GLN A 231 38.25 -6.61 -0.34
N PRO A 232 37.91 -5.93 0.77
CA PRO A 232 36.77 -6.36 1.59
C PRO A 232 35.49 -6.43 0.78
N GLY A 233 34.64 -7.40 1.10
CA GLY A 233 33.38 -7.54 0.40
C GLY A 233 32.37 -6.91 1.33
N ASP A 234 31.09 -6.98 1.00
CA ASP A 234 30.10 -6.42 1.91
C ASP A 234 29.99 -7.42 3.05
N ILE A 235 29.32 -7.02 4.14
CA ILE A 235 29.16 -7.90 5.29
C ILE A 235 27.79 -8.53 5.15
N LEU A 236 27.76 -9.76 4.65
CA LEU A 236 26.51 -10.45 4.42
C LEU A 236 25.99 -11.17 5.64
N PRO A 237 24.67 -11.40 5.70
CA PRO A 237 24.02 -12.08 6.81
C PRO A 237 23.86 -13.60 6.73
N ASN A 238 23.79 -14.19 7.91
CA ASN A 238 23.59 -15.61 8.10
C ASN A 238 22.26 -15.69 8.83
N ALA A 239 21.33 -16.46 8.31
CA ALA A 239 20.03 -16.62 8.93
C ALA A 239 20.07 -17.03 10.41
N ASP A 240 21.25 -17.08 11.02
CA ASP A 240 21.33 -17.44 12.43
C ASP A 240 21.80 -16.30 13.31
N GLU A 241 21.61 -15.07 12.83
CA GLU A 241 21.95 -13.84 13.55
C GLU A 241 23.39 -13.37 13.33
N THR A 242 24.24 -14.27 12.86
CA THR A 242 25.65 -13.96 12.62
C THR A 242 25.85 -13.43 11.20
N TRP A 243 27.10 -13.11 10.85
CA TRP A 243 27.37 -12.62 9.51
C TRP A 243 28.47 -13.35 8.76
N TYR A 244 28.77 -12.86 7.56
CA TYR A 244 29.79 -13.43 6.71
C TYR A 244 30.53 -12.32 6.00
N LEU A 245 31.82 -12.52 5.79
CA LEU A 245 32.67 -11.55 5.11
C LEU A 245 33.74 -12.24 4.30
N ARG A 246 34.06 -11.66 3.16
CA ARG A 246 35.07 -12.22 2.28
C ARG A 246 36.02 -11.14 1.81
N ALA A 247 37.28 -11.25 2.17
CA ALA A 247 38.29 -10.28 1.72
C ALA A 247 39.19 -10.96 0.68
N THR A 248 39.32 -10.37 -0.51
CA THR A 248 40.18 -10.97 -1.52
C THR A 248 41.41 -10.13 -1.78
N LEU A 249 42.37 -10.73 -2.46
CA LEU A 249 43.61 -10.06 -2.81
C LEU A 249 43.98 -10.56 -4.19
N ASP A 250 44.57 -9.70 -5.00
CA ASP A 250 44.94 -10.09 -6.36
C ASP A 250 46.47 -10.12 -6.40
N VAL A 251 47.06 -11.30 -6.58
CA VAL A 251 48.51 -11.42 -6.54
C VAL A 251 49.21 -12.24 -7.61
N VAL A 252 50.54 -12.17 -7.57
CA VAL A 252 51.42 -12.91 -8.44
C VAL A 252 51.69 -14.16 -7.58
N ALA A 253 51.58 -15.36 -8.17
CA ALA A 253 51.81 -16.57 -7.37
C ALA A 253 53.23 -16.58 -6.84
N GLY A 254 54.14 -15.96 -7.58
CA GLY A 254 55.53 -15.92 -7.19
C GLY A 254 55.82 -15.64 -5.72
N GLU A 255 55.36 -14.49 -5.24
CA GLU A 255 55.55 -14.09 -3.85
C GLU A 255 54.23 -14.10 -3.08
N ALA A 256 53.24 -14.77 -3.69
CA ALA A 256 51.93 -14.92 -3.10
C ALA A 256 52.09 -15.72 -1.81
N ALA A 257 53.31 -16.16 -1.53
CA ALA A 257 53.59 -16.92 -0.32
C ALA A 257 53.89 -15.98 0.84
N GLY A 258 53.76 -16.49 2.07
CA GLY A 258 54.04 -15.69 3.24
C GLY A 258 52.96 -14.67 3.59
N LEU A 259 52.03 -14.47 2.65
CA LEU A 259 50.92 -13.54 2.84
C LEU A 259 50.11 -14.04 4.03
N SER A 260 49.10 -13.29 4.43
CA SER A 260 48.32 -13.72 5.57
C SER A 260 47.01 -12.94 5.62
N CYS A 261 46.08 -13.39 6.45
CA CYS A 261 44.81 -12.70 6.57
C CYS A 261 44.63 -12.36 8.01
N ARG A 262 44.51 -11.07 8.31
CA ARG A 262 44.32 -10.64 9.69
C ARG A 262 42.86 -10.38 10.06
N VAL A 263 42.35 -11.10 11.03
CA VAL A 263 40.97 -10.87 11.41
C VAL A 263 40.88 -10.33 12.83
N LYS A 264 40.27 -9.16 12.97
CA LYS A 264 40.10 -8.55 14.28
C LYS A 264 38.61 -8.49 14.54
N HIS A 265 38.21 -8.82 15.76
CA HIS A 265 36.83 -8.82 16.13
C HIS A 265 36.51 -8.90 17.62
N SER A 266 35.63 -8.00 18.05
CA SER A 266 35.18 -7.90 19.43
C SER A 266 35.13 -9.22 20.19
N SER A 267 34.70 -10.31 19.55
CA SER A 267 34.60 -11.60 20.23
C SER A 267 35.97 -12.10 20.62
N LEU A 268 36.94 -11.87 19.74
CA LEU A 268 38.32 -12.26 20.02
C LEU A 268 38.83 -11.14 20.90
N GLU A 269 39.31 -11.46 22.08
CA GLU A 269 39.83 -10.41 22.95
C GLU A 269 40.97 -9.68 22.24
N GLY A 270 42.20 -10.13 22.46
CA GLY A 270 43.35 -9.51 21.81
C GLY A 270 43.79 -10.33 20.61
N GLN A 271 43.40 -11.59 20.57
CA GLN A 271 43.78 -12.46 19.48
C GLN A 271 43.24 -12.08 18.12
N ASP A 272 44.08 -11.58 17.24
CA ASP A 272 43.62 -11.26 15.91
C ASP A 272 43.88 -12.58 15.22
N ILE A 273 42.88 -13.23 14.65
CA ILE A 273 43.15 -14.52 13.99
C ILE A 273 44.04 -14.23 12.80
N VAL A 274 45.01 -15.10 12.55
CA VAL A 274 45.88 -14.89 11.41
C VAL A 274 46.06 -16.19 10.66
N LEU A 275 45.76 -16.23 9.37
CA LEU A 275 45.90 -17.47 8.59
C LEU A 275 46.89 -17.30 7.48
N TYR A 276 47.98 -18.04 7.52
CA TYR A 276 49.01 -17.90 6.52
C TYR A 276 48.79 -18.74 5.29
N TRP A 277 48.89 -18.11 4.14
CA TRP A 277 48.66 -18.79 2.88
C TRP A 277 49.66 -19.91 2.61
N MET B 1 12.10 3.98 -7.00
CA MET B 1 11.90 4.04 -8.45
C MET B 1 12.35 2.73 -9.07
N ILE B 2 11.85 2.44 -10.27
CA ILE B 2 12.19 1.21 -11.00
C ILE B 2 13.58 1.35 -11.62
N GLN B 3 14.55 1.82 -10.83
CA GLN B 3 15.89 2.05 -11.37
C GLN B 3 17.06 1.31 -10.74
N ARG B 4 16.94 0.97 -9.46
CA ARG B 4 18.00 0.25 -8.75
C ARG B 4 17.84 -1.25 -8.98
N THR B 5 18.83 -1.84 -9.64
CA THR B 5 18.76 -3.27 -9.94
C THR B 5 19.44 -4.08 -8.84
N PRO B 6 18.84 -5.23 -8.47
CA PRO B 6 19.35 -6.13 -7.43
C PRO B 6 20.78 -6.59 -7.53
N LYS B 7 21.42 -6.74 -6.38
CA LYS B 7 22.78 -7.24 -6.31
C LYS B 7 22.64 -8.58 -5.61
N ILE B 8 23.06 -9.62 -6.32
CA ILE B 8 22.94 -11.00 -5.84
C ILE B 8 24.27 -11.51 -5.36
N GLN B 9 24.26 -12.22 -4.25
CA GLN B 9 25.47 -12.80 -3.70
C GLN B 9 25.11 -14.13 -3.04
N VAL B 10 25.87 -15.17 -3.39
CA VAL B 10 25.62 -16.51 -2.87
C VAL B 10 26.75 -16.97 -2.01
N TYR B 11 26.42 -17.65 -0.92
CA TYR B 11 27.43 -18.16 -0.01
C TYR B 11 26.88 -19.25 0.91
N SER B 12 27.77 -19.92 1.62
CA SER B 12 27.40 -20.99 2.53
C SER B 12 27.54 -20.55 3.98
N ARG B 13 26.60 -20.98 4.79
CA ARG B 13 26.65 -20.63 6.19
C ARG B 13 27.88 -21.30 6.76
N HIS B 14 28.29 -22.39 6.12
CA HIS B 14 29.47 -23.15 6.54
C HIS B 14 30.41 -23.60 5.40
N PRO B 15 31.66 -23.88 5.75
CA PRO B 15 32.67 -24.32 4.78
C PRO B 15 32.20 -25.55 4.05
N ALA B 16 32.06 -25.45 2.74
CA ALA B 16 31.62 -26.59 1.93
C ALA B 16 32.28 -27.87 2.39
N GLU B 17 31.47 -28.89 2.62
CA GLU B 17 31.96 -30.19 3.05
C GLU B 17 31.10 -31.28 2.43
N ASN B 18 31.44 -31.66 1.20
CA ASN B 18 30.69 -32.69 0.47
C ASN B 18 30.18 -33.82 1.37
N GLY B 19 28.87 -33.97 1.42
CA GLY B 19 28.30 -35.00 2.27
C GLY B 19 27.85 -34.41 3.60
N LYS B 20 28.50 -33.33 4.04
CA LYS B 20 28.12 -32.70 5.30
C LYS B 20 27.00 -31.67 5.11
N SER B 21 26.09 -31.62 6.07
CA SER B 21 24.95 -30.71 6.05
C SER B 21 25.43 -29.27 6.09
N ASN B 22 24.62 -28.37 5.54
CA ASN B 22 24.96 -26.96 5.49
C ASN B 22 23.76 -26.13 5.05
N PHE B 23 23.95 -24.80 5.00
CA PHE B 23 22.92 -23.88 4.57
C PHE B 23 23.41 -23.04 3.38
N LEU B 24 22.54 -22.84 2.40
CA LEU B 24 22.86 -22.04 1.23
C LEU B 24 22.22 -20.67 1.41
N ASN B 25 23.01 -19.62 1.29
CA ASN B 25 22.51 -18.26 1.45
C ASN B 25 22.52 -17.50 0.14
N CYS B 26 21.49 -16.69 -0.07
CA CYS B 26 21.41 -15.83 -1.25
C CYS B 26 20.94 -14.45 -0.77
N TYR B 27 21.84 -13.47 -0.87
CA TYR B 27 21.52 -12.14 -0.42
C TYR B 27 21.24 -11.27 -1.62
N VAL B 28 19.97 -10.90 -1.79
CA VAL B 28 19.58 -10.04 -2.90
C VAL B 28 19.52 -8.69 -2.24
N SER B 29 20.06 -7.64 -2.87
CA SER B 29 20.05 -6.32 -2.23
C SER B 29 19.97 -5.12 -3.18
N GLY B 30 20.02 -3.94 -2.59
CA GLY B 30 19.97 -2.67 -3.30
C GLY B 30 19.02 -2.45 -4.44
N PHE B 31 17.94 -3.22 -4.51
CA PHE B 31 17.00 -3.06 -5.62
C PHE B 31 15.85 -2.22 -5.17
N HIS B 32 14.91 -1.99 -6.08
CA HIS B 32 13.75 -1.15 -5.80
C HIS B 32 12.99 -1.02 -7.11
N PRO B 33 11.65 -1.15 -7.08
CA PRO B 33 10.75 -1.39 -5.93
C PRO B 33 10.92 -2.77 -5.30
N SER B 34 10.11 -3.02 -4.27
CA SER B 34 10.14 -4.27 -3.54
C SER B 34 9.73 -5.53 -4.31
N ASP B 35 8.74 -5.45 -5.20
CA ASP B 35 8.31 -6.64 -5.91
C ASP B 35 9.49 -7.33 -6.50
N ILE B 36 9.59 -8.65 -6.33
CA ILE B 36 10.72 -9.42 -6.83
C ILE B 36 10.54 -10.91 -6.61
N GLU B 37 11.16 -11.74 -7.45
CA GLU B 37 11.06 -13.20 -7.27
C GLU B 37 12.46 -13.80 -7.15
N VAL B 38 12.64 -14.75 -6.23
CA VAL B 38 13.96 -15.34 -6.04
C VAL B 38 13.86 -16.82 -5.75
N ASP B 39 14.59 -17.63 -6.52
CA ASP B 39 14.58 -19.08 -6.33
C ASP B 39 15.97 -19.61 -6.14
N LEU B 40 16.09 -20.67 -5.35
CA LEU B 40 17.37 -21.31 -5.14
C LEU B 40 17.34 -22.54 -6.02
N LEU B 41 18.37 -22.71 -6.85
CA LEU B 41 18.41 -23.82 -7.77
C LEU B 41 19.43 -24.91 -7.46
N LYS B 42 19.09 -26.10 -7.92
CA LYS B 42 19.92 -27.28 -7.77
C LYS B 42 19.98 -27.84 -9.18
N ASN B 43 21.10 -27.62 -9.85
CA ASN B 43 21.26 -28.08 -11.22
C ASN B 43 20.17 -27.54 -12.12
N GLY B 44 19.90 -26.23 -11.99
CA GLY B 44 18.88 -25.59 -12.79
C GLY B 44 17.50 -25.68 -12.20
N GLU B 45 17.22 -26.72 -11.42
CA GLU B 45 15.89 -26.89 -10.83
C GLU B 45 15.71 -26.20 -9.49
N ARG B 46 14.60 -25.47 -9.34
CA ARG B 46 14.33 -24.74 -8.11
C ARG B 46 14.11 -25.69 -6.93
N ILE B 47 14.57 -25.23 -5.78
CA ILE B 47 14.43 -25.98 -4.56
C ILE B 47 13.07 -25.60 -4.01
N GLU B 48 12.26 -26.60 -3.74
CA GLU B 48 10.89 -26.43 -3.25
C GLU B 48 10.75 -25.78 -1.88
N LYS B 49 11.59 -26.17 -0.93
CA LYS B 49 11.51 -25.65 0.43
C LYS B 49 12.62 -24.70 0.85
N VAL B 50 12.50 -23.43 0.48
CA VAL B 50 13.50 -22.43 0.86
C VAL B 50 12.80 -21.32 1.65
N GLU B 51 13.51 -20.70 2.57
CA GLU B 51 12.91 -19.66 3.36
C GLU B 51 13.74 -18.41 3.22
N HIS B 52 13.16 -17.28 3.61
CA HIS B 52 13.83 -15.99 3.55
C HIS B 52 13.48 -15.14 4.75
N SER B 53 14.22 -14.06 4.95
CA SER B 53 13.99 -13.15 6.07
C SER B 53 12.89 -12.16 5.68
N ASP B 54 12.50 -11.26 6.58
CA ASP B 54 11.48 -10.27 6.24
C ASP B 54 12.20 -9.28 5.33
N LEU B 55 11.56 -8.80 4.27
CA LEU B 55 12.29 -7.86 3.43
C LEU B 55 12.36 -6.50 4.08
N SER B 56 13.55 -5.91 4.04
CA SER B 56 13.82 -4.66 4.69
C SER B 56 14.47 -3.72 3.67
N PHE B 57 14.89 -2.54 4.11
CA PHE B 57 15.54 -1.61 3.22
C PHE B 57 16.63 -0.83 3.93
N SER B 58 17.60 -0.35 3.16
CA SER B 58 18.69 0.41 3.74
C SER B 58 18.30 1.88 3.84
N LYS B 59 19.21 2.70 4.32
CA LYS B 59 18.96 4.11 4.48
C LYS B 59 18.65 4.74 3.12
N ASP B 60 19.39 4.37 2.09
CA ASP B 60 19.14 4.92 0.77
C ASP B 60 17.78 4.42 0.22
N TRP B 61 17.02 3.78 1.11
CA TRP B 61 15.70 3.24 0.81
C TRP B 61 15.62 1.99 -0.08
N SER B 62 16.77 1.44 -0.47
CA SER B 62 16.77 0.24 -1.32
C SER B 62 16.48 -0.99 -0.47
N PHE B 63 15.70 -1.89 -1.04
CA PHE B 63 15.32 -3.08 -0.31
C PHE B 63 16.43 -4.13 -0.31
N TYR B 64 16.37 -5.06 0.64
CA TYR B 64 17.35 -6.13 0.71
C TYR B 64 16.71 -7.36 1.30
N LEU B 65 17.16 -8.52 0.88
CA LEU B 65 16.58 -9.78 1.31
C LEU B 65 17.54 -10.94 1.38
N LEU B 66 17.27 -11.85 2.31
CA LEU B 66 18.13 -13.02 2.49
C LEU B 66 17.34 -14.30 2.39
N TYR B 67 17.53 -15.03 1.28
CA TYR B 67 16.87 -16.32 1.05
C TYR B 67 17.86 -17.40 1.46
N TYR B 68 17.37 -18.50 2.01
CA TYR B 68 18.28 -19.57 2.45
C TYR B 68 17.61 -20.93 2.59
N THR B 69 18.42 -21.97 2.56
CA THR B 69 17.92 -23.33 2.69
C THR B 69 19.00 -24.31 3.10
N GLU B 70 18.59 -25.37 3.76
CA GLU B 70 19.49 -26.44 4.18
C GLU B 70 19.90 -27.23 2.93
N PHE B 71 21.18 -27.58 2.84
CA PHE B 71 21.65 -28.35 1.70
C PHE B 71 22.94 -29.10 1.99
N THR B 72 23.26 -30.03 1.09
CA THR B 72 24.47 -30.84 1.22
C THR B 72 25.22 -30.85 -0.09
N PRO B 73 26.33 -30.10 -0.15
CA PRO B 73 27.18 -30.01 -1.33
C PRO B 73 27.73 -31.34 -1.77
N THR B 74 28.00 -31.44 -3.07
CA THR B 74 28.54 -32.65 -3.68
C THR B 74 29.25 -32.19 -4.95
N GLU B 75 30.50 -32.61 -5.13
CA GLU B 75 31.28 -32.22 -6.29
C GLU B 75 30.53 -32.07 -7.61
N LYS B 76 29.54 -32.94 -7.86
CA LYS B 76 28.78 -32.88 -9.10
C LYS B 76 27.68 -31.81 -9.14
N ASP B 77 26.87 -31.77 -8.09
CA ASP B 77 25.78 -30.82 -7.99
C ASP B 77 26.22 -29.40 -7.89
N GLU B 78 25.58 -28.52 -8.66
CA GLU B 78 25.90 -27.10 -8.64
C GLU B 78 24.66 -26.32 -8.29
N TYR B 79 24.77 -25.41 -7.33
CA TYR B 79 23.61 -24.63 -6.95
C TYR B 79 23.74 -23.24 -7.50
N ALA B 80 22.66 -22.47 -7.42
CA ALA B 80 22.64 -21.12 -7.95
C ALA B 80 21.44 -20.35 -7.46
N CYS B 81 21.53 -19.02 -7.50
CA CYS B 81 20.41 -18.17 -7.09
C CYS B 81 19.77 -17.51 -8.28
N ARG B 82 18.49 -17.80 -8.50
CA ARG B 82 17.78 -17.20 -9.63
C ARG B 82 16.94 -16.04 -9.16
N VAL B 83 17.08 -14.91 -9.84
CA VAL B 83 16.35 -13.71 -9.43
C VAL B 83 15.66 -12.99 -10.59
N ASN B 84 14.44 -12.51 -10.38
CA ASN B 84 13.74 -11.77 -11.41
C ASN B 84 13.18 -10.48 -10.84
N HIS B 85 13.39 -9.38 -11.56
CA HIS B 85 12.97 -8.06 -11.11
C HIS B 85 12.72 -7.19 -12.32
N VAL B 86 11.94 -6.14 -12.14
CA VAL B 86 11.57 -5.26 -13.23
C VAL B 86 12.75 -4.55 -13.88
N THR B 87 13.80 -4.31 -13.12
CA THR B 87 14.94 -3.62 -13.69
C THR B 87 15.79 -4.53 -14.54
N LEU B 88 15.37 -5.78 -14.71
CA LEU B 88 16.16 -6.71 -15.50
C LEU B 88 15.37 -7.48 -16.54
N SER B 89 15.93 -7.55 -17.74
CA SER B 89 15.34 -8.22 -18.91
C SER B 89 15.23 -9.73 -18.78
N GLN B 90 16.22 -10.36 -18.16
CA GLN B 90 16.17 -11.79 -17.98
C GLN B 90 16.51 -12.08 -16.55
N PRO B 91 15.85 -13.08 -15.97
CA PRO B 91 16.12 -13.44 -14.57
C PRO B 91 17.58 -13.80 -14.37
N LYS B 92 18.36 -12.87 -13.86
CA LYS B 92 19.78 -13.12 -13.63
C LYS B 92 19.96 -14.26 -12.65
N ILE B 93 20.92 -15.15 -12.94
CA ILE B 93 21.21 -16.23 -12.02
C ILE B 93 22.70 -16.13 -11.64
N VAL B 94 22.98 -16.26 -10.36
CA VAL B 94 24.35 -16.20 -9.91
C VAL B 94 24.67 -17.54 -9.28
N LYS B 95 25.69 -18.21 -9.82
CA LYS B 95 26.13 -19.53 -9.37
C LYS B 95 26.91 -19.41 -8.07
N TRP B 96 26.97 -20.50 -7.34
CA TRP B 96 27.69 -20.57 -6.07
C TRP B 96 29.06 -21.19 -6.26
N ASP B 97 30.08 -20.55 -5.71
CA ASP B 97 31.45 -21.04 -5.81
C ASP B 97 32.04 -21.19 -4.40
N ARG B 98 32.23 -22.43 -3.97
CA ARG B 98 32.79 -22.73 -2.66
C ARG B 98 34.09 -21.99 -2.33
N ASP B 99 34.65 -21.28 -3.29
CA ASP B 99 35.89 -20.54 -3.07
C ASP B 99 35.75 -19.03 -3.11
N MET B 100 34.53 -18.57 -3.34
CA MET B 100 34.22 -17.15 -3.40
C MET B 100 32.73 -16.99 -3.14
N PRO C 4 -4.49 -4.97 4.58
CA PRO C 4 -4.48 -3.93 3.51
C PRO C 4 -5.19 -4.34 2.22
N GLN C 5 -6.16 -5.24 2.36
CA GLN C 5 -6.97 -5.71 1.24
C GLN C 5 -8.35 -6.00 1.85
N ARG C 6 -8.43 -5.90 3.17
CA ARG C 6 -9.65 -6.17 3.91
C ARG C 6 -10.20 -4.93 4.60
N LEU C 7 -10.45 -3.88 3.84
CA LEU C 7 -10.98 -2.67 4.43
C LEU C 7 -12.49 -2.81 4.39
N PHE C 8 -13.12 -3.01 5.54
CA PHE C 8 -14.58 -3.14 5.56
C PHE C 8 -15.25 -2.12 6.46
N PRO C 9 -14.91 -0.84 6.29
CA PRO C 9 -15.55 0.16 7.12
C PRO C 9 -16.96 0.36 6.63
N LEU C 10 -17.74 1.05 7.44
CA LEU C 10 -19.10 1.37 7.07
C LEU C 10 -19.11 2.87 6.88
N ARG C 11 -19.58 3.32 5.73
CA ARG C 11 -19.64 4.73 5.49
C ARG C 11 -21.08 5.05 5.22
N CYS C 12 -21.63 5.94 6.04
CA CYS C 12 -23.00 6.36 5.87
C CYS C 12 -22.89 7.76 5.30
N LEU C 13 -23.39 7.92 4.08
CA LEU C 13 -23.35 9.21 3.42
C LEU C 13 -24.72 9.91 3.32
N GLN C 14 -24.70 11.22 3.52
CA GLN C 14 -25.90 12.01 3.45
C GLN C 14 -25.68 13.25 2.59
N ILE C 15 -26.58 13.43 1.62
CA ILE C 15 -26.52 14.57 0.72
C ILE C 15 -27.78 15.41 0.95
N SER C 16 -27.62 16.61 1.50
CA SER C 16 -28.78 17.46 1.70
C SER C 16 -28.59 18.66 0.83
N SER C 17 -29.60 18.94 0.01
CA SER C 17 -29.56 20.05 -0.91
C SER C 17 -30.80 20.93 -0.66
N PHE C 18 -30.64 22.04 0.02
CA PHE C 18 -31.77 22.92 0.26
C PHE C 18 -31.87 23.90 -0.90
N ALA C 19 -32.90 23.70 -1.73
CA ALA C 19 -33.12 24.54 -2.89
C ALA C 19 -33.51 25.94 -2.46
N ASN C 20 -34.29 26.01 -1.39
CA ASN C 20 -34.72 27.30 -0.87
C ASN C 20 -35.23 27.07 0.54
N SER C 21 -35.72 28.12 1.17
CA SER C 21 -36.21 27.98 2.52
C SER C 21 -37.29 26.91 2.67
N SER C 22 -37.85 26.46 1.57
CA SER C 22 -38.93 25.48 1.64
C SER C 22 -38.60 24.08 1.15
N TRP C 23 -38.08 24.00 -0.06
CA TRP C 23 -37.84 22.71 -0.65
C TRP C 23 -36.52 22.07 -0.31
N THR C 24 -36.60 21.03 0.50
CA THR C 24 -35.41 20.31 0.90
C THR C 24 -35.45 18.90 0.37
N ARG C 25 -34.34 18.44 -0.16
CA ARG C 25 -34.32 17.09 -0.64
C ARG C 25 -32.99 16.46 -0.28
N THR C 26 -33.03 15.66 0.80
CA THR C 26 -31.86 14.99 1.34
C THR C 26 -31.93 13.48 1.13
N ASP C 27 -30.89 12.91 0.53
CA ASP C 27 -30.82 11.47 0.26
C ASP C 27 -29.56 10.82 0.84
N GLY C 28 -29.66 9.58 1.27
CA GLY C 28 -28.47 8.95 1.82
C GLY C 28 -28.17 7.55 1.30
N LEU C 29 -27.11 6.96 1.82
CA LEU C 29 -26.74 5.60 1.45
C LEU C 29 -25.54 5.21 2.28
N ALA C 30 -25.45 3.94 2.61
CA ALA C 30 -24.33 3.43 3.39
C ALA C 30 -23.54 2.47 2.56
N TRP C 31 -22.25 2.39 2.85
CA TRP C 31 -21.38 1.49 2.15
C TRP C 31 -20.62 0.64 3.13
N LEU C 32 -20.69 -0.66 2.97
CA LEU C 32 -19.89 -1.49 3.83
C LEU C 32 -18.83 -1.87 2.84
N GLY C 33 -17.59 -1.44 3.09
CA GLY C 33 -16.54 -1.72 2.15
C GLY C 33 -16.90 -1.14 0.78
N GLU C 34 -16.92 -2.01 -0.22
CA GLU C 34 -17.23 -1.61 -1.58
C GLU C 34 -18.70 -1.80 -1.97
N LEU C 35 -19.49 -2.40 -1.09
CA LEU C 35 -20.89 -2.64 -1.40
C LEU C 35 -21.93 -1.69 -0.78
N GLN C 36 -22.78 -1.09 -1.60
CA GLN C 36 -23.81 -0.22 -1.06
C GLN C 36 -24.77 -1.15 -0.37
N THR C 37 -24.93 -1.02 0.94
CA THR C 37 -25.83 -1.92 1.65
C THR C 37 -27.20 -1.32 1.87
N HIS C 38 -27.26 0.02 1.92
CA HIS C 38 -28.52 0.72 2.14
C HIS C 38 -28.69 1.92 1.23
N SER C 39 -29.93 2.36 1.15
CA SER C 39 -30.28 3.51 0.33
C SER C 39 -31.45 4.23 0.98
N TRP C 40 -31.31 5.52 1.20
CA TRP C 40 -32.42 6.24 1.77
C TRP C 40 -32.65 7.45 0.90
N SER C 41 -33.78 7.37 0.21
CA SER C 41 -34.23 8.39 -0.71
C SER C 41 -35.11 9.29 0.12
N ASN C 42 -35.38 10.51 -0.35
CA ASN C 42 -36.23 11.36 0.45
C ASN C 42 -37.65 11.34 -0.02
N ASP C 43 -38.01 10.31 -0.79
CA ASP C 43 -39.39 10.15 -1.26
C ASP C 43 -39.96 8.91 -0.57
N SER C 44 -39.19 8.38 0.36
CA SER C 44 -39.59 7.21 1.14
C SER C 44 -39.41 7.64 2.58
N ASP C 45 -40.27 7.14 3.47
CA ASP C 45 -40.15 7.48 4.87
C ASP C 45 -39.29 6.41 5.47
N THR C 46 -38.63 5.65 4.60
CA THR C 46 -37.83 4.55 5.10
C THR C 46 -36.54 4.30 4.35
N VAL C 47 -35.57 3.73 5.08
CA VAL C 47 -34.26 3.39 4.54
C VAL C 47 -34.36 2.03 3.85
N ARG C 48 -34.07 2.00 2.55
CA ARG C 48 -34.16 0.78 1.75
C ARG C 48 -32.99 -0.22 1.90
N SER C 49 -33.28 -1.43 2.37
CA SER C 49 -32.25 -2.46 2.48
C SER C 49 -31.91 -2.95 1.08
N LEU C 50 -30.62 -3.02 0.76
CA LEU C 50 -30.21 -3.45 -0.56
C LEU C 50 -29.69 -4.85 -0.55
N LYS C 51 -29.51 -5.40 0.63
CA LYS C 51 -29.00 -6.75 0.75
C LYS C 51 -29.82 -7.52 1.76
N PRO C 52 -29.89 -8.84 1.60
CA PRO C 52 -30.65 -9.65 2.54
C PRO C 52 -30.10 -9.47 3.95
N TRP C 53 -28.83 -9.08 4.06
CA TRP C 53 -28.21 -8.89 5.35
C TRP C 53 -28.05 -7.42 5.67
N SER C 54 -28.79 -6.56 4.98
CA SER C 54 -28.72 -5.13 5.22
C SER C 54 -29.32 -4.76 6.53
N GLN C 55 -29.59 -5.75 7.36
CA GLN C 55 -30.18 -5.46 8.64
C GLN C 55 -29.22 -5.92 9.73
N GLY C 56 -28.05 -6.39 9.33
CA GLY C 56 -27.07 -6.84 10.28
C GLY C 56 -27.70 -7.83 11.24
N THR C 57 -27.40 -7.66 12.53
CA THR C 57 -27.90 -8.52 13.59
C THR C 57 -29.18 -7.98 14.24
N PHE C 58 -29.82 -7.04 13.58
CA PHE C 58 -31.06 -6.42 14.07
C PHE C 58 -32.28 -7.22 13.70
N SER C 59 -33.23 -7.29 14.62
CA SER C 59 -34.46 -8.03 14.36
C SER C 59 -35.37 -7.04 13.66
N ASP C 60 -36.38 -7.52 12.95
CA ASP C 60 -37.27 -6.60 12.28
C ASP C 60 -37.80 -5.53 13.22
N GLN C 61 -38.23 -5.95 14.41
CA GLN C 61 -38.77 -4.98 15.35
C GLN C 61 -37.79 -3.86 15.59
N GLN C 62 -36.58 -4.20 16.00
CA GLN C 62 -35.57 -3.20 16.26
C GLN C 62 -35.39 -2.36 15.03
N TRP C 63 -35.48 -3.02 13.88
CA TRP C 63 -35.32 -2.33 12.65
C TRP C 63 -36.46 -1.37 12.42
N GLU C 64 -37.68 -1.81 12.71
CA GLU C 64 -38.84 -0.94 12.52
C GLU C 64 -38.64 0.32 13.36
N THR C 65 -38.14 0.17 14.57
CA THR C 65 -37.90 1.30 15.44
C THR C 65 -36.80 2.21 14.88
N LEU C 66 -35.67 1.62 14.54
CA LEU C 66 -34.59 2.42 13.99
C LEU C 66 -35.19 3.18 12.81
N GLN C 67 -35.97 2.47 12.02
CA GLN C 67 -36.61 3.04 10.87
C GLN C 67 -37.41 4.31 11.23
N HIS C 68 -38.05 4.31 12.40
CA HIS C 68 -38.82 5.48 12.87
C HIS C 68 -37.87 6.57 13.30
N ILE C 69 -36.66 6.18 13.67
CA ILE C 69 -35.67 7.13 14.12
C ILE C 69 -35.00 7.96 13.02
N PHE C 70 -34.61 7.37 11.90
CA PHE C 70 -33.95 8.17 10.87
C PHE C 70 -34.87 9.26 10.50
N ARG C 71 -36.13 8.90 10.60
CA ARG C 71 -37.18 9.82 10.30
C ARG C 71 -37.01 11.11 11.06
N VAL C 72 -36.94 11.06 12.39
CA VAL C 72 -36.80 12.29 13.12
C VAL C 72 -35.54 13.04 12.75
N TYR C 73 -34.43 12.34 12.67
CA TYR C 73 -33.16 12.97 12.32
C TYR C 73 -33.33 13.76 11.03
N ARG C 74 -33.74 13.07 9.97
CA ARG C 74 -33.89 13.74 8.69
C ARG C 74 -34.75 14.98 8.81
N SER C 75 -35.78 14.85 9.62
CA SER C 75 -36.71 15.92 9.83
C SER C 75 -36.12 17.05 10.68
N SER C 76 -35.28 16.69 11.66
CA SER C 76 -34.68 17.71 12.50
C SER C 76 -33.45 18.30 11.85
N PHE C 77 -32.75 17.49 11.06
CA PHE C 77 -31.56 17.98 10.41
C PHE C 77 -31.98 19.12 9.51
N THR C 78 -32.95 18.90 8.64
CA THR C 78 -33.31 19.99 7.76
C THR C 78 -33.85 21.19 8.55
N ARG C 79 -34.56 20.95 9.65
CA ARG C 79 -35.08 22.06 10.44
C ARG C 79 -33.98 22.86 11.09
N ASP C 80 -32.93 22.16 11.47
CA ASP C 80 -31.84 22.80 12.10
C ASP C 80 -31.04 23.54 11.07
N VAL C 81 -30.79 22.93 9.91
CA VAL C 81 -30.03 23.67 8.90
C VAL C 81 -30.85 24.90 8.58
N LYS C 82 -32.17 24.73 8.44
CA LYS C 82 -33.08 25.84 8.16
C LYS C 82 -32.95 26.95 9.19
N GLU C 83 -32.81 26.59 10.46
CA GLU C 83 -32.70 27.57 11.51
C GLU C 83 -31.31 28.13 11.63
N PHE C 84 -30.33 27.30 11.31
CA PHE C 84 -28.94 27.72 11.35
C PHE C 84 -28.76 28.72 10.24
N ALA C 85 -29.48 28.49 9.13
CA ALA C 85 -29.47 29.37 7.97
C ALA C 85 -30.21 30.67 8.26
N LYS C 86 -31.10 30.64 9.24
CA LYS C 86 -31.83 31.84 9.57
C LYS C 86 -31.11 32.67 10.59
N MET C 87 -30.40 32.05 11.53
CA MET C 87 -29.71 32.85 12.53
C MET C 87 -28.31 33.29 12.09
N LEU C 88 -27.70 32.57 11.16
CA LEU C 88 -26.38 32.97 10.73
C LEU C 88 -26.48 33.73 9.43
N ARG C 89 -27.68 33.79 8.87
CA ARG C 89 -27.87 34.51 7.61
C ARG C 89 -27.19 33.87 6.40
N LEU C 90 -27.49 32.60 6.15
CA LEU C 90 -26.90 31.90 5.02
C LEU C 90 -27.87 31.92 3.83
N SER C 91 -27.38 32.31 2.67
CA SER C 91 -28.22 32.39 1.47
C SER C 91 -28.43 31.06 0.75
N TYR C 92 -29.68 30.78 0.41
CA TYR C 92 -30.05 29.56 -0.30
C TYR C 92 -29.68 29.77 -1.75
N PRO C 93 -29.40 28.69 -2.49
CA PRO C 93 -29.39 27.28 -2.13
C PRO C 93 -28.21 26.86 -1.25
N LEU C 94 -28.45 25.88 -0.39
CA LEU C 94 -27.41 25.36 0.50
C LEU C 94 -27.25 23.84 0.39
N GLU C 95 -26.04 23.38 0.12
CA GLU C 95 -25.82 21.95 0.03
C GLU C 95 -24.90 21.50 1.16
N LEU C 96 -25.34 20.48 1.88
CA LEU C 96 -24.58 19.92 2.96
C LEU C 96 -24.38 18.46 2.66
N GLN C 97 -23.26 17.93 3.13
CA GLN C 97 -22.89 16.54 2.95
C GLN C 97 -22.39 15.99 4.28
N VAL C 98 -22.81 14.78 4.62
CA VAL C 98 -22.37 14.19 5.88
C VAL C 98 -21.71 12.88 5.60
N SER C 99 -20.62 12.60 6.29
CA SER C 99 -19.92 11.33 6.14
C SER C 99 -19.63 10.78 7.53
N ALA C 100 -20.45 9.86 8.01
CA ALA C 100 -20.24 9.28 9.34
C ALA C 100 -20.00 7.78 9.24
N GLY C 101 -19.47 7.18 10.30
CA GLY C 101 -19.21 5.76 10.30
C GLY C 101 -18.18 5.21 11.28
N CYS C 102 -17.76 3.98 11.02
CA CYS C 102 -16.77 3.32 11.86
C CYS C 102 -16.24 2.08 11.14
N GLU C 103 -15.03 1.63 11.51
CA GLU C 103 -14.46 0.43 10.93
C GLU C 103 -14.15 -0.44 12.14
N VAL C 104 -14.62 -1.68 12.12
CA VAL C 104 -14.34 -2.59 13.22
C VAL C 104 -12.97 -3.24 13.02
N HIS C 105 -12.19 -3.31 14.09
CA HIS C 105 -10.88 -3.91 14.00
C HIS C 105 -10.76 -5.25 14.73
N PRO C 106 -9.70 -6.02 14.42
CA PRO C 106 -9.49 -7.31 15.06
C PRO C 106 -9.90 -7.35 16.51
N GLY C 107 -11.06 -7.98 16.72
CA GLY C 107 -11.63 -8.20 18.04
C GLY C 107 -12.09 -7.08 18.93
N ASN C 108 -11.16 -6.29 19.45
CA ASN C 108 -11.51 -5.23 20.40
C ASN C 108 -12.08 -3.88 19.93
N ALA C 109 -11.20 -2.90 19.76
CA ALA C 109 -11.61 -1.56 19.38
C ALA C 109 -12.03 -1.34 17.94
N SER C 110 -12.42 -0.10 17.67
CA SER C 110 -12.85 0.34 16.36
C SER C 110 -12.55 1.82 16.29
N ASN C 111 -12.51 2.37 15.08
CA ASN C 111 -12.29 3.80 14.89
C ASN C 111 -13.51 4.32 14.15
N ASN C 112 -13.95 5.52 14.45
CA ASN C 112 -15.11 6.06 13.79
C ASN C 112 -14.89 7.49 13.36
N PHE C 113 -15.81 8.02 12.57
CA PHE C 113 -15.68 9.38 12.05
C PHE C 113 -17.03 9.98 11.75
N PHE C 114 -17.06 11.30 11.70
CA PHE C 114 -18.29 12.03 11.38
C PHE C 114 -17.85 13.37 10.84
N HIS C 115 -17.91 13.55 9.52
CA HIS C 115 -17.50 14.80 8.89
C HIS C 115 -18.60 15.45 8.08
N VAL C 116 -18.92 16.71 8.35
CA VAL C 116 -19.93 17.36 7.55
C VAL C 116 -19.27 18.38 6.63
N ALA C 117 -19.79 18.51 5.41
CA ALA C 117 -19.22 19.42 4.44
C ALA C 117 -20.22 20.39 3.88
N PHE C 118 -19.84 21.65 3.89
CA PHE C 118 -20.68 22.68 3.38
C PHE C 118 -20.06 23.10 2.06
N GLN C 119 -20.87 23.18 1.02
CA GLN C 119 -20.40 23.60 -0.31
C GLN C 119 -19.23 22.80 -0.86
N GLY C 120 -19.15 21.52 -0.53
CA GLY C 120 -18.07 20.73 -1.06
C GLY C 120 -16.80 20.74 -0.26
N LYS C 121 -16.79 21.43 0.88
CA LYS C 121 -15.61 21.49 1.73
C LYS C 121 -15.89 21.27 3.19
N ASP C 122 -15.01 20.52 3.83
CA ASP C 122 -15.18 20.25 5.25
C ASP C 122 -15.39 21.57 5.97
N ILE C 123 -16.06 21.52 7.10
CA ILE C 123 -16.26 22.71 7.88
C ILE C 123 -16.22 22.32 9.34
N LEU C 124 -16.60 21.08 9.64
CA LEU C 124 -16.57 20.61 11.02
C LEU C 124 -16.62 19.10 11.09
N SER C 125 -16.37 18.55 12.28
CA SER C 125 -16.41 17.10 12.49
C SER C 125 -16.49 16.80 13.97
N PHE C 126 -16.91 15.58 14.31
CA PHE C 126 -17.04 15.20 15.70
C PHE C 126 -15.74 14.59 16.21
N GLN C 127 -14.98 15.36 16.96
CA GLN C 127 -13.69 14.90 17.50
C GLN C 127 -13.74 14.77 19.02
N GLY C 128 -13.64 13.53 19.51
CA GLY C 128 -13.69 13.27 20.94
C GLY C 128 -15.06 13.23 21.61
N THR C 129 -15.66 14.41 21.83
CA THR C 129 -16.97 14.54 22.47
C THR C 129 -17.61 15.85 22.03
N SER C 130 -16.83 16.71 21.38
CA SER C 130 -17.37 17.99 20.95
C SER C 130 -17.28 18.19 19.44
N TRP C 131 -18.01 19.16 18.94
CA TRP C 131 -17.91 19.42 17.53
C TRP C 131 -16.71 20.32 17.34
N GLU C 132 -15.78 19.92 16.48
CA GLU C 132 -14.61 20.74 16.22
C GLU C 132 -14.68 21.26 14.79
N PRO C 133 -14.43 22.55 14.61
CA PRO C 133 -14.45 23.16 13.28
C PRO C 133 -13.20 22.83 12.54
N THR C 134 -13.11 23.35 11.33
CA THR C 134 -11.95 23.17 10.48
C THR C 134 -11.08 24.40 10.72
N GLN C 135 -9.77 24.24 10.53
CA GLN C 135 -8.85 25.33 10.76
C GLN C 135 -9.35 26.59 10.07
N GLU C 136 -9.42 26.51 8.74
CA GLU C 136 -9.84 27.62 7.92
C GLU C 136 -11.29 28.05 8.06
N ALA C 137 -12.15 27.12 8.42
CA ALA C 137 -13.59 27.36 8.57
C ALA C 137 -14.04 28.82 8.77
N PRO C 138 -15.12 29.23 8.08
CA PRO C 138 -15.70 30.57 8.15
C PRO C 138 -16.17 30.93 9.56
N LEU C 139 -16.51 32.21 9.72
CA LEU C 139 -16.96 32.69 11.01
C LEU C 139 -18.23 32.02 11.49
N TRP C 140 -19.30 32.10 10.67
CA TRP C 140 -20.56 31.49 11.08
C TRP C 140 -20.44 30.05 11.53
N VAL C 141 -19.39 29.37 11.08
CA VAL C 141 -19.15 28.00 11.50
C VAL C 141 -18.72 28.10 12.93
N ASN C 142 -17.68 28.89 13.19
CA ASN C 142 -17.16 29.03 14.54
C ASN C 142 -18.32 29.36 15.46
N LEU C 143 -19.24 30.12 14.92
CA LEU C 143 -20.42 30.52 15.63
C LEU C 143 -21.33 29.31 15.77
N ALA C 144 -21.59 28.70 14.63
CA ALA C 144 -22.41 27.52 14.54
C ALA C 144 -22.02 26.49 15.61
N ILE C 145 -20.72 26.21 15.67
CA ILE C 145 -20.20 25.23 16.60
C ILE C 145 -20.53 25.50 18.06
N GLN C 146 -20.38 26.74 18.51
CA GLN C 146 -20.68 27.06 19.89
C GLN C 146 -22.08 26.56 20.24
N VAL C 147 -23.02 26.85 19.35
CA VAL C 147 -24.41 26.45 19.48
C VAL C 147 -24.52 24.92 19.50
N LEU C 148 -24.00 24.27 18.47
CA LEU C 148 -24.05 22.81 18.40
C LEU C 148 -23.55 22.18 19.66
N ASN C 149 -22.41 22.69 20.12
CA ASN C 149 -21.74 22.19 21.33
C ASN C 149 -22.44 22.44 22.64
N GLN C 150 -23.28 23.46 22.69
CA GLN C 150 -23.97 23.75 23.92
C GLN C 150 -24.92 22.58 24.20
N ASP C 151 -25.13 21.72 23.21
CA ASP C 151 -26.04 20.58 23.37
C ASP C 151 -25.37 19.31 23.86
N LYS C 152 -25.50 19.01 25.15
CA LYS C 152 -24.86 17.81 25.73
C LYS C 152 -25.44 16.55 25.15
N TRP C 153 -26.75 16.41 25.25
CA TRP C 153 -27.40 15.21 24.76
C TRP C 153 -26.92 14.72 23.41
N THR C 154 -27.07 15.58 22.40
CA THR C 154 -26.69 15.25 21.04
C THR C 154 -25.24 14.82 20.90
N ARG C 155 -24.32 15.68 21.35
CA ARG C 155 -22.93 15.32 21.25
C ARG C 155 -22.70 14.00 21.99
N GLU C 156 -23.30 13.84 23.16
CA GLU C 156 -23.17 12.58 23.86
C GLU C 156 -23.79 11.50 23.01
N THR C 157 -24.99 11.74 22.47
CA THR C 157 -25.63 10.72 21.64
C THR C 157 -24.76 10.39 20.41
N VAL C 158 -24.17 11.43 19.82
CA VAL C 158 -23.32 11.23 18.63
C VAL C 158 -22.15 10.34 18.97
N GLN C 159 -21.52 10.64 20.09
CA GLN C 159 -20.37 9.89 20.58
C GLN C 159 -20.81 8.45 20.80
N TRP C 160 -21.97 8.27 21.40
CA TRP C 160 -22.46 6.95 21.67
C TRP C 160 -22.71 6.16 20.38
N LEU C 161 -23.44 6.72 19.41
CA LEU C 161 -23.68 6.03 18.13
C LEU C 161 -22.39 5.55 17.44
N LEU C 162 -21.38 6.40 17.45
CA LEU C 162 -20.10 6.12 16.82
C LEU C 162 -19.30 5.05 17.51
N ASN C 163 -19.19 5.16 18.83
CA ASN C 163 -18.40 4.21 19.59
C ASN C 163 -19.20 3.01 20.05
N GLY C 164 -20.51 3.19 20.17
CA GLY C 164 -21.34 2.11 20.62
C GLY C 164 -22.05 1.35 19.53
N THR C 165 -23.17 1.91 19.08
CA THR C 165 -23.99 1.25 18.06
C THR C 165 -23.26 0.83 16.81
N CYS C 166 -22.68 1.81 16.12
CA CYS C 166 -22.00 1.57 14.87
C CYS C 166 -21.22 0.25 14.87
N PRO C 167 -20.18 0.15 15.69
CA PRO C 167 -19.42 -1.09 15.71
C PRO C 167 -20.33 -2.31 15.82
N GLN C 168 -21.09 -2.42 16.89
CA GLN C 168 -21.97 -3.57 17.04
C GLN C 168 -22.64 -3.85 15.72
N PHE C 169 -23.28 -2.81 15.19
CA PHE C 169 -23.98 -2.91 13.93
C PHE C 169 -23.07 -3.51 12.89
N VAL C 170 -21.90 -2.92 12.68
CA VAL C 170 -20.98 -3.42 11.66
C VAL C 170 -20.60 -4.87 11.84
N SER C 171 -20.07 -5.19 13.00
CA SER C 171 -19.67 -6.56 13.30
C SER C 171 -20.80 -7.52 12.94
N GLY C 172 -22.03 -7.05 13.13
CA GLY C 172 -23.17 -7.87 12.81
C GLY C 172 -23.17 -7.98 11.32
N LEU C 173 -23.35 -6.83 10.69
CA LEU C 173 -23.36 -6.75 9.26
C LEU C 173 -22.31 -7.65 8.62
N LEU C 174 -21.12 -7.67 9.22
CA LEU C 174 -20.01 -8.46 8.71
C LEU C 174 -20.25 -9.94 8.82
N GLU C 175 -20.64 -10.34 10.02
CA GLU C 175 -20.88 -11.74 10.31
C GLU C 175 -21.98 -12.34 9.46
N SER C 176 -23.00 -11.55 9.19
CA SER C 176 -24.14 -12.01 8.40
C SER C 176 -23.96 -11.78 6.92
N GLY C 177 -22.88 -11.10 6.55
CA GLY C 177 -22.64 -10.85 5.14
C GLY C 177 -21.48 -11.68 4.61
N LYS C 178 -20.80 -12.41 5.48
CA LYS C 178 -19.65 -13.24 5.09
C LYS C 178 -19.83 -13.75 3.68
N SER C 179 -20.89 -14.52 3.52
CA SER C 179 -21.26 -15.12 2.24
C SER C 179 -21.01 -14.29 0.99
N GLU C 180 -21.71 -13.16 0.87
CA GLU C 180 -21.58 -12.30 -0.29
C GLU C 180 -20.18 -11.76 -0.34
N LEU C 181 -19.73 -11.18 0.76
CA LEU C 181 -18.39 -10.63 0.83
C LEU C 181 -17.35 -11.69 0.45
N LYS C 182 -17.74 -12.96 0.56
CA LYS C 182 -16.85 -14.08 0.21
C LYS C 182 -16.97 -14.44 -1.27
N LYS C 183 -18.18 -14.39 -1.81
CA LYS C 183 -18.42 -14.67 -3.22
C LYS C 183 -17.24 -14.17 -4.02
N GLN C 184 -16.92 -14.86 -5.11
CA GLN C 184 -15.82 -14.45 -5.97
C GLN C 184 -16.23 -14.61 -7.41
N VAL C 185 -15.99 -13.60 -8.22
CA VAL C 185 -16.38 -13.64 -9.63
C VAL C 185 -15.17 -13.51 -10.56
N LYS C 186 -14.99 -14.49 -11.44
CA LYS C 186 -13.85 -14.46 -12.35
C LYS C 186 -14.06 -13.44 -13.46
N PRO C 187 -13.01 -12.66 -13.75
CA PRO C 187 -13.05 -11.63 -14.79
C PRO C 187 -12.64 -12.24 -16.10
N LYS C 188 -13.06 -11.60 -17.19
CA LYS C 188 -12.69 -12.04 -18.50
C LYS C 188 -11.84 -10.92 -19.08
N ALA C 189 -10.77 -11.29 -19.75
CA ALA C 189 -9.88 -10.30 -20.33
C ALA C 189 -9.74 -10.44 -21.83
N TRP C 190 -9.27 -9.38 -22.47
CA TRP C 190 -9.08 -9.37 -23.90
C TRP C 190 -8.18 -8.19 -24.24
N LEU C 191 -7.52 -8.24 -25.40
CA LEU C 191 -6.61 -7.18 -25.79
C LEU C 191 -7.11 -6.35 -26.99
N SER C 192 -6.36 -5.31 -27.31
CA SER C 192 -6.69 -4.43 -28.42
C SER C 192 -5.61 -3.34 -28.52
N ARG C 193 -5.63 -2.56 -29.59
CA ARG C 193 -4.64 -1.50 -29.75
C ARG C 193 -5.27 -0.14 -29.60
N GLY C 194 -4.48 0.85 -29.22
CA GLY C 194 -5.01 2.19 -29.05
C GLY C 194 -4.16 3.25 -29.73
N PRO C 195 -4.49 4.53 -29.50
CA PRO C 195 -3.89 5.77 -29.99
C PRO C 195 -2.56 6.20 -29.37
N SER C 196 -1.49 5.48 -29.66
CA SER C 196 -0.21 5.85 -29.08
C SER C 196 0.41 7.00 -29.83
N PRO C 197 1.49 7.56 -29.28
CA PRO C 197 2.21 8.68 -29.88
C PRO C 197 3.63 8.30 -30.34
N GLY C 198 4.56 9.19 -29.99
CA GLY C 198 5.97 9.02 -30.30
C GLY C 198 6.26 8.63 -31.73
N PRO C 199 7.27 7.77 -31.94
CA PRO C 199 7.58 7.35 -33.31
C PRO C 199 6.65 6.22 -33.65
N GLY C 200 7.16 5.30 -34.46
CA GLY C 200 6.38 4.16 -34.87
C GLY C 200 6.31 3.17 -33.73
N ARG C 201 5.58 3.56 -32.70
CA ARG C 201 5.42 2.70 -31.55
C ARG C 201 4.06 3.02 -30.98
N LEU C 202 3.19 2.03 -30.91
CA LEU C 202 1.89 2.30 -30.32
C LEU C 202 1.69 1.63 -28.97
N LEU C 203 0.45 1.61 -28.50
CA LEU C 203 0.15 1.05 -27.19
C LEU C 203 -0.77 -0.15 -27.14
N LEU C 204 -0.35 -1.14 -26.37
CA LEU C 204 -1.12 -2.34 -26.18
C LEU C 204 -2.13 -2.09 -25.05
N VAL C 205 -3.36 -2.55 -25.24
CA VAL C 205 -4.40 -2.35 -24.25
C VAL C 205 -4.91 -3.64 -23.64
N CYS C 206 -4.75 -3.80 -22.34
CA CYS C 206 -5.27 -4.98 -21.68
C CYS C 206 -6.59 -4.56 -21.06
N HIS C 207 -7.60 -5.41 -21.22
CA HIS C 207 -8.95 -5.15 -20.72
C HIS C 207 -9.37 -6.27 -19.80
N VAL C 208 -9.64 -5.93 -18.55
CA VAL C 208 -10.10 -6.92 -17.58
C VAL C 208 -11.42 -6.44 -16.99
N SER C 209 -12.45 -7.29 -16.99
CA SER C 209 -13.70 -6.86 -16.41
C SER C 209 -14.55 -8.01 -15.87
N GLY C 210 -15.42 -7.66 -14.93
CA GLY C 210 -16.30 -8.65 -14.34
C GLY C 210 -15.81 -9.44 -13.17
N PHE C 211 -14.87 -8.90 -12.42
CA PHE C 211 -14.36 -9.58 -11.23
C PHE C 211 -15.08 -9.02 -9.99
N TYR C 212 -15.02 -9.73 -8.87
CA TYR C 212 -15.71 -9.22 -7.68
C TYR C 212 -14.83 -8.57 -6.63
N PRO C 213 -14.21 -9.36 -5.75
CA PRO C 213 -13.39 -8.62 -4.79
C PRO C 213 -12.57 -7.62 -5.60
N LYS C 214 -12.91 -6.34 -5.50
CA LYS C 214 -12.26 -5.27 -6.25
C LYS C 214 -10.75 -5.39 -6.45
N PRO C 215 -10.02 -5.87 -5.44
CA PRO C 215 -8.57 -5.97 -5.64
C PRO C 215 -8.15 -6.81 -6.86
N VAL C 216 -7.28 -6.26 -7.68
CA VAL C 216 -6.82 -6.96 -8.87
C VAL C 216 -5.43 -6.52 -9.29
N TRP C 217 -4.72 -7.40 -9.97
CA TRP C 217 -3.40 -7.08 -10.45
C TRP C 217 -3.40 -7.22 -11.98
N VAL C 218 -2.85 -6.21 -12.66
CA VAL C 218 -2.77 -6.23 -14.10
C VAL C 218 -1.52 -5.52 -14.60
N LYS C 219 -0.60 -6.30 -15.14
CA LYS C 219 0.66 -5.78 -15.62
C LYS C 219 1.02 -6.44 -16.96
N TRP C 220 1.77 -5.72 -17.79
CA TRP C 220 2.21 -6.26 -19.08
C TRP C 220 3.56 -6.95 -18.93
N MET C 221 3.56 -8.27 -19.02
CA MET C 221 4.78 -9.05 -18.90
C MET C 221 5.35 -9.34 -20.28
N ARG C 222 6.67 -9.52 -20.31
CA ARG C 222 7.40 -9.89 -21.52
C ARG C 222 7.88 -11.27 -21.10
N GLY C 223 6.98 -12.24 -21.14
CA GLY C 223 7.35 -13.56 -20.69
C GLY C 223 7.23 -13.51 -19.19
N GLU C 224 8.36 -13.53 -18.49
CA GLU C 224 8.35 -13.48 -17.03
C GLU C 224 8.91 -12.15 -16.53
N GLN C 225 9.41 -11.34 -17.46
CA GLN C 225 9.96 -10.04 -17.09
C GLN C 225 8.80 -9.06 -17.01
N GLU C 226 8.90 -8.11 -16.08
CA GLU C 226 7.86 -7.11 -15.90
C GLU C 226 8.20 -5.81 -16.63
N GLN C 227 7.23 -5.25 -17.33
CA GLN C 227 7.42 -4.03 -18.06
C GLN C 227 7.27 -2.77 -17.21
N GLN C 228 8.41 -2.26 -16.77
CA GLN C 228 8.49 -1.07 -15.94
C GLN C 228 7.90 0.12 -16.66
N GLY C 229 6.85 -0.13 -17.42
CA GLY C 229 6.19 0.93 -18.17
C GLY C 229 4.69 0.74 -18.28
N THR C 230 4.19 -0.36 -17.72
CA THR C 230 2.76 -0.65 -17.76
C THR C 230 2.00 0.39 -16.95
N GLN C 231 0.94 0.93 -17.54
CA GLN C 231 0.14 1.94 -16.85
C GLN C 231 -1.33 1.56 -16.65
N PRO C 232 -1.70 1.23 -15.40
CA PRO C 232 -3.03 0.84 -14.92
C PRO C 232 -3.95 2.06 -14.93
N GLY C 233 -5.23 1.84 -15.19
CA GLY C 233 -6.20 2.93 -15.19
C GLY C 233 -6.89 2.86 -13.85
N ASP C 234 -8.00 3.54 -13.68
CA ASP C 234 -8.66 3.43 -12.41
C ASP C 234 -9.46 2.14 -12.46
N ILE C 235 -9.98 1.69 -11.31
CA ILE C 235 -10.80 0.47 -11.31
C ILE C 235 -12.24 0.94 -11.33
N LEU C 236 -12.84 0.92 -12.51
CA LEU C 236 -14.20 1.38 -12.67
C LEU C 236 -15.26 0.32 -12.37
N PRO C 237 -16.48 0.77 -12.05
CA PRO C 237 -17.56 -0.15 -11.72
C PRO C 237 -18.46 -0.60 -12.84
N ASN C 238 -19.07 -1.76 -12.60
CA ASN C 238 -20.02 -2.40 -13.49
C ASN C 238 -21.29 -2.53 -12.66
N ALA C 239 -22.38 -1.98 -13.18
CA ALA C 239 -23.66 -2.01 -12.51
C ALA C 239 -24.11 -3.40 -12.05
N ASP C 240 -23.26 -4.41 -12.15
CA ASP C 240 -23.66 -5.72 -11.70
C ASP C 240 -22.82 -6.18 -10.52
N GLU C 241 -22.24 -5.20 -9.83
CA GLU C 241 -21.42 -5.43 -8.65
C GLU C 241 -19.94 -5.69 -8.96
N THR C 242 -19.64 -6.04 -10.20
CA THR C 242 -18.26 -6.32 -10.60
C THR C 242 -17.60 -5.04 -11.02
N TRP C 243 -16.35 -5.13 -11.45
CA TRP C 243 -15.63 -3.94 -11.89
C TRP C 243 -14.96 -4.08 -13.23
N TYR C 244 -14.21 -3.05 -13.59
CA TYR C 244 -13.47 -3.01 -14.85
C TYR C 244 -12.12 -2.34 -14.64
N LEU C 245 -11.13 -2.80 -15.40
CA LEU C 245 -9.79 -2.24 -15.33
C LEU C 245 -9.11 -2.26 -16.70
N ARG C 246 -8.38 -1.20 -17.00
CA ARG C 246 -7.69 -1.09 -18.27
C ARG C 246 -6.24 -0.73 -18.05
N ALA C 247 -5.33 -1.62 -18.45
CA ALA C 247 -3.90 -1.37 -18.32
C ALA C 247 -3.31 -1.14 -19.70
N THR C 248 -2.53 -0.08 -19.87
CA THR C 248 -1.95 0.21 -21.16
C THR C 248 -0.43 0.12 -21.14
N LEU C 249 0.18 0.10 -22.34
CA LEU C 249 1.64 0.04 -22.53
C LEU C 249 2.07 0.75 -23.80
N ASP C 250 3.00 1.69 -23.67
CA ASP C 250 3.52 2.49 -24.79
C ASP C 250 4.83 1.97 -25.36
N VAL C 251 4.88 0.70 -25.77
CA VAL C 251 6.12 0.14 -26.32
C VAL C 251 6.48 0.59 -27.70
N VAL C 252 7.77 0.56 -27.99
CA VAL C 252 8.30 0.91 -29.31
C VAL C 252 7.91 -0.28 -30.17
N ALA C 253 7.15 -0.01 -31.23
CA ALA C 253 6.67 -1.07 -32.10
C ALA C 253 7.83 -1.94 -32.48
N GLY C 254 7.55 -3.04 -33.14
CA GLY C 254 8.62 -3.92 -33.55
C GLY C 254 9.02 -4.80 -32.38
N GLU C 255 9.08 -4.21 -31.19
CA GLU C 255 9.41 -4.96 -29.98
C GLU C 255 8.06 -5.27 -29.37
N ALA C 256 7.03 -4.74 -30.01
CA ALA C 256 5.67 -4.91 -29.53
C ALA C 256 5.20 -6.35 -29.52
N ALA C 257 5.95 -7.24 -30.14
CA ALA C 257 5.55 -8.64 -30.18
C ALA C 257 6.08 -9.38 -28.97
N GLY C 258 5.45 -10.52 -28.67
CA GLY C 258 5.86 -11.37 -27.57
C GLY C 258 5.48 -10.90 -26.18
N LEU C 259 4.92 -9.71 -26.07
CA LEU C 259 4.53 -9.21 -24.76
C LEU C 259 3.12 -9.69 -24.46
N SER C 260 2.88 -10.10 -23.23
CA SER C 260 1.55 -10.59 -22.86
C SER C 260 0.91 -9.73 -21.75
N CYS C 261 -0.17 -10.25 -21.19
CA CYS C 261 -0.89 -9.57 -20.12
C CYS C 261 -1.34 -10.62 -19.11
N ARG C 262 -0.89 -10.48 -17.87
CA ARG C 262 -1.29 -11.41 -16.81
C ARG C 262 -2.42 -10.78 -16.03
N VAL C 263 -3.14 -11.61 -15.29
CA VAL C 263 -4.20 -11.10 -14.44
C VAL C 263 -4.28 -11.96 -13.21
N LYS C 264 -4.06 -11.37 -12.06
CA LYS C 264 -4.13 -12.12 -10.82
C LYS C 264 -5.36 -11.63 -10.05
N HIS C 265 -6.24 -12.55 -9.67
CA HIS C 265 -7.41 -12.17 -8.92
C HIS C 265 -7.93 -13.34 -8.09
N SER C 266 -8.10 -13.07 -6.80
CA SER C 266 -8.60 -14.05 -5.87
C SER C 266 -9.57 -15.04 -6.50
N SER C 267 -10.43 -14.58 -7.41
CA SER C 267 -11.40 -15.47 -8.06
C SER C 267 -10.73 -16.65 -8.77
N LEU C 268 -9.50 -16.46 -9.25
CA LEU C 268 -8.80 -17.53 -9.94
C LEU C 268 -8.25 -18.54 -8.93
N GLU C 269 -9.15 -19.28 -8.27
CA GLU C 269 -8.81 -20.30 -7.26
C GLU C 269 -7.39 -20.78 -7.47
N GLY C 270 -7.17 -21.28 -8.68
CA GLY C 270 -5.86 -21.77 -9.05
C GLY C 270 -4.97 -20.57 -9.26
N GLN C 271 -4.55 -20.36 -10.51
CA GLN C 271 -3.67 -19.25 -10.79
C GLN C 271 -4.16 -18.31 -11.89
N ASP C 272 -3.32 -17.31 -12.14
CA ASP C 272 -3.54 -16.25 -13.10
C ASP C 272 -4.10 -16.60 -14.47
N ILE C 273 -4.15 -15.60 -15.33
CA ILE C 273 -4.68 -15.74 -16.67
C ILE C 273 -3.81 -14.88 -17.54
N VAL C 274 -3.08 -15.51 -18.46
CA VAL C 274 -2.20 -14.73 -19.33
C VAL C 274 -2.72 -14.68 -20.75
N LEU C 275 -2.78 -13.48 -21.30
CA LEU C 275 -3.25 -13.28 -22.65
C LEU C 275 -2.09 -12.76 -23.48
N TYR C 276 -1.79 -13.44 -24.58
CA TYR C 276 -0.68 -13.07 -25.43
C TYR C 276 -1.03 -12.18 -26.61
N TRP C 277 -0.12 -11.23 -26.89
CA TRP C 277 -0.28 -10.29 -28.00
C TRP C 277 0.54 -10.77 -29.18
N GLY C 278 0.06 -10.45 -30.38
CA GLY C 278 0.75 -10.88 -31.58
C GLY C 278 0.59 -12.39 -31.67
N GLY C 279 -0.59 -12.89 -31.30
CA GLY C 279 -0.85 -14.33 -31.35
C GLY C 279 -2.30 -14.74 -31.06
N SER C 280 -2.65 -15.96 -31.48
CA SER C 280 -3.99 -16.51 -31.29
C SER C 280 -4.06 -17.30 -29.97
N TYR C 281 -4.83 -16.77 -29.02
CA TYR C 281 -4.99 -17.40 -27.71
C TYR C 281 -5.45 -18.85 -27.82
N MET D 1 -17.74 23.26 -3.89
CA MET D 1 -18.09 24.42 -4.70
C MET D 1 -18.29 24.01 -6.18
N ILE D 2 -18.67 24.98 -7.01
CA ILE D 2 -18.92 24.78 -8.45
C ILE D 2 -17.69 24.85 -9.38
N GLN D 3 -16.60 24.15 -9.01
CA GLN D 3 -15.39 24.12 -9.84
C GLN D 3 -15.02 22.72 -10.28
N ARG D 4 -15.10 21.75 -9.38
CA ARG D 4 -14.73 20.43 -9.83
C ARG D 4 -15.59 20.02 -11.02
N THR D 5 -14.96 19.96 -12.19
CA THR D 5 -15.67 19.58 -13.39
C THR D 5 -15.64 18.05 -13.53
N PRO D 6 -16.74 17.47 -13.99
CA PRO D 6 -16.89 16.02 -14.18
C PRO D 6 -15.89 15.31 -15.07
N LYS D 7 -15.55 14.09 -14.70
CA LYS D 7 -14.63 13.27 -15.49
C LYS D 7 -15.49 12.18 -16.10
N ILE D 8 -15.47 12.11 -17.42
CA ILE D 8 -16.27 11.15 -18.14
C ILE D 8 -15.45 9.97 -18.65
N GLN D 9 -15.99 8.78 -18.53
CA GLN D 9 -15.32 7.59 -19.01
C GLN D 9 -16.35 6.60 -19.50
N VAL D 10 -16.16 6.14 -20.73
CA VAL D 10 -17.08 5.19 -21.37
C VAL D 10 -16.45 3.85 -21.55
N TYR D 11 -17.23 2.81 -21.36
CA TYR D 11 -16.75 1.44 -21.54
C TYR D 11 -17.88 0.43 -21.62
N SER D 12 -17.54 -0.79 -22.02
CA SER D 12 -18.51 -1.87 -22.18
C SER D 12 -18.40 -2.92 -21.10
N ARG D 13 -19.53 -3.41 -20.64
CA ARG D 13 -19.52 -4.44 -19.59
C ARG D 13 -18.89 -5.69 -20.16
N HIS D 14 -18.97 -5.79 -21.47
CA HIS D 14 -18.43 -6.93 -22.18
C HIS D 14 -17.71 -6.60 -23.48
N PRO D 15 -16.77 -7.47 -23.89
CA PRO D 15 -15.98 -7.29 -25.11
C PRO D 15 -16.88 -7.06 -26.30
N ALA D 16 -16.74 -5.90 -26.93
CA ALA D 16 -17.55 -5.56 -28.09
C ALA D 16 -17.65 -6.76 -28.99
N GLU D 17 -18.88 -7.10 -29.35
CA GLU D 17 -19.13 -8.23 -30.22
C GLU D 17 -20.31 -7.87 -31.11
N ASN D 18 -20.04 -7.23 -32.24
CA ASN D 18 -21.11 -6.83 -33.17
C ASN D 18 -22.20 -7.90 -33.32
N GLY D 19 -23.43 -7.53 -32.99
CA GLY D 19 -24.53 -8.46 -33.08
C GLY D 19 -24.85 -9.07 -31.72
N LYS D 20 -23.85 -9.23 -30.87
CA LYS D 20 -24.05 -9.80 -29.55
C LYS D 20 -24.50 -8.72 -28.55
N SER D 21 -25.31 -9.14 -27.57
CA SER D 21 -25.85 -8.22 -26.56
C SER D 21 -24.75 -7.73 -25.62
N ASN D 22 -24.94 -6.54 -25.06
CA ASN D 22 -23.95 -5.98 -24.14
C ASN D 22 -24.54 -4.78 -23.39
N PHE D 23 -23.74 -4.20 -22.49
CA PHE D 23 -24.14 -3.04 -21.70
C PHE D 23 -23.14 -1.91 -21.91
N LEU D 24 -23.66 -0.70 -22.07
CA LEU D 24 -22.81 0.47 -22.25
C LEU D 24 -22.73 1.17 -20.90
N ASN D 25 -21.50 1.45 -20.45
CA ASN D 25 -21.28 2.12 -19.16
C ASN D 25 -20.73 3.51 -19.35
N CYS D 26 -21.20 4.46 -18.54
CA CYS D 26 -20.64 5.79 -18.59
C CYS D 26 -20.43 6.20 -17.16
N TYR D 27 -19.18 6.42 -16.77
CA TYR D 27 -18.86 6.80 -15.39
C TYR D 27 -18.48 8.27 -15.31
N VAL D 28 -19.39 9.05 -14.77
CA VAL D 28 -19.17 10.49 -14.62
C VAL D 28 -18.67 10.60 -13.22
N SER D 29 -17.59 11.34 -12.98
CA SER D 29 -17.07 11.46 -11.61
C SER D 29 -16.50 12.81 -11.23
N GLY D 30 -15.88 12.85 -10.06
CA GLY D 30 -15.23 14.05 -9.53
C GLY D 30 -15.79 15.44 -9.77
N PHE D 31 -17.09 15.57 -9.98
CA PHE D 31 -17.66 16.89 -10.18
C PHE D 31 -18.31 17.36 -8.89
N HIS D 32 -18.92 18.53 -8.94
CA HIS D 32 -19.56 19.11 -7.78
C HIS D 32 -20.01 20.51 -8.22
N PRO D 33 -21.21 20.93 -7.85
CA PRO D 33 -22.25 20.27 -7.05
C PRO D 33 -22.86 19.09 -7.78
N SER D 34 -23.83 18.45 -7.11
CA SER D 34 -24.52 17.29 -7.63
C SER D 34 -25.38 17.47 -8.89
N ASP D 35 -26.13 18.57 -8.99
CA ASP D 35 -26.95 18.77 -10.18
C ASP D 35 -26.13 18.50 -11.43
N ILE D 36 -26.71 17.72 -12.35
CA ILE D 36 -25.98 17.36 -13.56
C ILE D 36 -26.89 16.56 -14.49
N GLU D 37 -26.54 16.55 -15.77
CA GLU D 37 -27.31 15.83 -16.76
C GLU D 37 -26.42 14.98 -17.65
N VAL D 38 -26.82 13.73 -17.84
CA VAL D 38 -26.05 12.78 -18.61
C VAL D 38 -26.94 11.89 -19.47
N ASP D 39 -26.67 11.88 -20.78
CA ASP D 39 -27.43 11.06 -21.71
C ASP D 39 -26.51 10.10 -22.46
N LEU D 40 -27.03 8.94 -22.82
CA LEU D 40 -26.26 7.99 -23.60
C LEU D 40 -26.74 8.11 -25.03
N LEU D 41 -25.81 8.39 -25.95
CA LEU D 41 -26.12 8.57 -27.35
C LEU D 41 -25.83 7.41 -28.26
N LYS D 42 -26.64 7.36 -29.32
CA LYS D 42 -26.52 6.37 -30.37
C LYS D 42 -26.58 7.27 -31.59
N ASN D 43 -25.45 7.40 -32.27
CA ASN D 43 -25.33 8.25 -33.44
C ASN D 43 -25.88 9.65 -33.20
N GLY D 44 -25.53 10.22 -32.04
CA GLY D 44 -25.97 11.55 -31.71
C GLY D 44 -27.32 11.60 -31.01
N GLU D 45 -28.15 10.59 -31.20
CA GLU D 45 -29.46 10.57 -30.58
C GLU D 45 -29.49 9.87 -29.23
N ARG D 46 -30.09 10.54 -28.25
CA ARG D 46 -30.18 9.98 -26.91
C ARG D 46 -30.97 8.69 -26.84
N ILE D 47 -30.48 7.79 -26.01
CA ILE D 47 -31.13 6.51 -25.80
C ILE D 47 -32.20 6.75 -24.75
N GLU D 48 -33.43 6.43 -25.13
CA GLU D 48 -34.61 6.63 -24.27
C GLU D 48 -34.61 5.91 -22.93
N LYS D 49 -34.18 4.64 -22.92
CA LYS D 49 -34.21 3.83 -21.70
C LYS D 49 -32.87 3.51 -21.09
N VAL D 50 -32.32 4.46 -20.33
CA VAL D 50 -31.03 4.23 -19.68
C VAL D 50 -31.21 4.38 -18.17
N GLU D 51 -30.40 3.65 -17.41
CA GLU D 51 -30.50 3.73 -15.97
C GLU D 51 -29.15 4.09 -15.38
N HIS D 52 -29.15 4.49 -14.11
CA HIS D 52 -27.93 4.85 -13.43
C HIS D 52 -27.97 4.38 -11.99
N SER D 53 -26.84 4.51 -11.31
CA SER D 53 -26.75 4.11 -9.90
C SER D 53 -27.20 5.26 -9.01
N ASP D 54 -27.16 5.07 -7.69
CA ASP D 54 -27.53 6.14 -6.79
C ASP D 54 -26.33 7.07 -6.72
N LEU D 55 -26.61 8.35 -6.50
CA LEU D 55 -25.58 9.36 -6.37
C LEU D 55 -24.74 8.97 -5.19
N SER D 56 -23.49 9.37 -5.24
CA SER D 56 -22.59 9.11 -4.15
C SER D 56 -21.48 10.09 -4.32
N PHE D 57 -20.61 10.17 -3.33
CA PHE D 57 -19.47 11.04 -3.40
C PHE D 57 -18.24 10.39 -2.79
N SER D 58 -17.08 10.90 -3.18
CA SER D 58 -15.83 10.37 -2.68
C SER D 58 -15.47 11.11 -1.41
N LYS D 59 -14.31 10.76 -0.84
CA LYS D 59 -13.86 11.38 0.40
C LYS D 59 -13.59 12.86 0.20
N ASP D 60 -13.06 13.22 -0.95
CA ASP D 60 -12.81 14.63 -1.21
C ASP D 60 -14.12 15.38 -1.44
N TRP D 61 -15.23 14.70 -1.21
CA TRP D 61 -16.59 15.22 -1.31
C TRP D 61 -17.12 15.39 -2.71
N SER D 62 -16.38 14.92 -3.72
CA SER D 62 -16.88 15.07 -5.09
C SER D 62 -17.86 13.93 -5.37
N PHE D 63 -18.89 14.21 -6.14
CA PHE D 63 -19.89 13.22 -6.45
C PHE D 63 -19.44 12.33 -7.57
N TYR D 64 -20.09 11.19 -7.72
CA TYR D 64 -19.77 10.28 -8.82
C TYR D 64 -20.99 9.49 -9.22
N LEU D 65 -21.04 9.06 -10.47
CA LEU D 65 -22.19 8.35 -10.97
C LEU D 65 -21.90 7.37 -12.10
N LEU D 66 -22.72 6.33 -12.19
CA LEU D 66 -22.57 5.33 -13.22
C LEU D 66 -23.86 5.15 -13.99
N TYR D 67 -23.89 5.66 -15.21
CA TYR D 67 -25.05 5.51 -16.08
C TYR D 67 -24.77 4.31 -16.98
N TYR D 68 -25.81 3.57 -17.35
CA TYR D 68 -25.63 2.40 -18.20
C TYR D 68 -26.89 1.97 -18.94
N THR D 69 -26.72 1.15 -19.96
CA THR D 69 -27.84 0.64 -20.73
C THR D 69 -27.46 -0.56 -21.60
N GLU D 70 -28.44 -1.42 -21.85
CA GLU D 70 -28.23 -2.58 -22.69
C GLU D 70 -28.07 -2.09 -24.13
N PHE D 71 -27.18 -2.71 -24.89
CA PHE D 71 -26.96 -2.30 -26.27
C PHE D 71 -26.28 -3.37 -27.09
N THR D 72 -26.30 -3.18 -28.41
CA THR D 72 -25.67 -4.11 -29.32
C THR D 72 -24.82 -3.35 -30.33
N PRO D 73 -23.49 -3.44 -30.19
CA PRO D 73 -22.54 -2.79 -31.07
C PRO D 73 -22.66 -3.27 -32.50
N THR D 74 -22.30 -2.40 -33.43
CA THR D 74 -22.34 -2.68 -34.86
C THR D 74 -21.35 -1.72 -35.52
N GLU D 75 -20.42 -2.27 -36.30
CA GLU D 75 -19.42 -1.45 -36.98
C GLU D 75 -19.82 -0.03 -37.36
N LYS D 76 -21.05 0.15 -37.82
CA LYS D 76 -21.51 1.47 -38.24
C LYS D 76 -21.92 2.39 -37.10
N ASP D 77 -22.74 1.89 -36.20
CA ASP D 77 -23.24 2.66 -35.08
C ASP D 77 -22.16 3.08 -34.08
N GLU D 78 -22.20 4.34 -33.70
CA GLU D 78 -21.25 4.85 -32.72
C GLU D 78 -22.04 5.41 -31.55
N TYR D 79 -21.63 5.05 -30.34
CA TYR D 79 -22.30 5.54 -29.16
C TYR D 79 -21.44 6.59 -28.49
N ALA D 80 -21.98 7.24 -27.48
CA ALA D 80 -21.23 8.28 -26.80
C ALA D 80 -21.95 8.72 -25.56
N CYS D 81 -21.23 9.35 -24.65
CA CYS D 81 -21.81 9.83 -23.42
C CYS D 81 -21.85 11.37 -23.44
N ARG D 82 -23.05 11.93 -23.33
CA ARG D 82 -23.24 13.37 -23.31
C ARG D 82 -23.48 13.84 -21.89
N VAL D 83 -22.71 14.83 -21.45
CA VAL D 83 -22.81 15.32 -20.08
C VAL D 83 -22.88 16.82 -20.00
N ASN D 84 -23.76 17.33 -19.15
CA ASN D 84 -23.85 18.78 -18.99
C ASN D 84 -23.78 19.14 -17.50
N HIS D 85 -22.93 20.10 -17.17
CA HIS D 85 -22.75 20.52 -15.80
C HIS D 85 -22.37 22.00 -15.74
N VAL D 86 -22.67 22.64 -14.62
CA VAL D 86 -22.38 24.06 -14.45
C VAL D 86 -20.93 24.46 -14.69
N THR D 87 -20.00 23.55 -14.45
CA THR D 87 -18.58 23.87 -14.63
C THR D 87 -18.14 23.76 -16.08
N LEU D 88 -19.09 23.50 -16.99
CA LEU D 88 -18.76 23.42 -18.39
C LEU D 88 -19.68 24.23 -19.29
N SER D 89 -19.06 24.95 -20.22
CA SER D 89 -19.75 25.81 -21.17
C SER D 89 -20.63 25.03 -22.13
N GLN D 90 -20.13 23.92 -22.64
CA GLN D 90 -20.88 23.10 -23.57
C GLN D 90 -20.92 21.67 -23.09
N PRO D 91 -22.06 21.01 -23.28
CA PRO D 91 -22.23 19.61 -22.87
C PRO D 91 -21.18 18.72 -23.50
N LYS D 92 -20.11 18.46 -22.77
CA LYS D 92 -19.03 17.62 -23.27
C LYS D 92 -19.56 16.24 -23.61
N ILE D 93 -19.09 15.68 -24.71
CA ILE D 93 -19.52 14.35 -25.08
C ILE D 93 -18.27 13.54 -25.29
N VAL D 94 -18.25 12.32 -24.76
CA VAL D 94 -17.09 11.46 -24.91
C VAL D 94 -17.51 10.18 -25.62
N LYS D 95 -16.96 9.99 -26.80
CA LYS D 95 -17.26 8.84 -27.62
C LYS D 95 -16.72 7.55 -27.03
N TRP D 96 -17.29 6.43 -27.46
CA TRP D 96 -16.86 5.11 -26.99
C TRP D 96 -15.95 4.45 -28.00
N ASP D 97 -14.87 3.86 -27.52
CA ASP D 97 -13.90 3.19 -28.39
C ASP D 97 -13.64 1.79 -27.90
N ARG D 98 -14.16 0.80 -28.61
CA ARG D 98 -13.99 -0.60 -28.26
C ARG D 98 -12.54 -1.02 -27.94
N ASP D 99 -11.59 -0.11 -28.12
CA ASP D 99 -10.19 -0.42 -27.87
C ASP D 99 -9.58 0.40 -26.73
N MET D 100 -10.41 1.23 -26.09
CA MET D 100 -9.96 2.06 -24.98
C MET D 100 -11.17 2.58 -24.24
#